data_7SZB
#
_entry.id   7SZB
#
_cell.length_a   295.770
_cell.length_b   47.630
_cell.length_c   62.140
_cell.angle_alpha   90.000
_cell.angle_beta   96.770
_cell.angle_gamma   90.000
#
_symmetry.space_group_name_H-M   'C 1 2 1'
#
loop_
_entity.id
_entity.type
_entity.pdbx_description
1 polymer 'EKC/KEOPS complex subunit TP53RK'
2 polymer 'EKC/KEOPS complex subunit TPRKB'
3 non-polymer 5-amino-2-[(3R)-2,6-dioxopiperidin-3-yl]-1H-isoindole-1,3(2H)-dione
4 non-polymer 'CITRATE ANION'
5 water water
#
loop_
_entity_poly.entity_id
_entity_poly.type
_entity_poly.pdbx_seq_one_letter_code
_entity_poly.pdbx_strand_id
1 'polypeptide(L)'
;GPMAAARATTPADGEEPAPEAEALAAARERSSRFLSGLELVKQGAEARVFRGRFQGRAAVIKHRFPKGYRHPALEARLGR
RRTVQEARALLRCRRAGISAPVVFFVDYASNCLYMEEIEGSVTVRDYIQSTMETEKTPQGLSNLAKTIGQVLARMHDEDL
IHGDLTTSNMLLKPPLEQLNIVLIDFGLSFISALPEDKGVDLYVLEKAFLSTHPNTETVFEAFLKSYSTSSKKARPVLKK
LDEVRLRGRKRSMVG
;
A,C
2 'polypeptide(L)'
;GPHMQLTHQLDLFPECRVTLLLFKDVKNAGDLRRKAMEGTIDGSLINPTVIVDPFQILVAANKAVHLYKLGKMKTRTLST
EIIFNLSPNNNISEALKKFGISANDTSILIVYIEEGEKQINQEYLISQVEGHQVSLKNLPEIMNITEVKKIYKLSSQEES
IGTLLDAIICRMSTKDVL
;
B,D
#
# COMPACT_ATOMS: atom_id res chain seq x y z
N GLU A 16 6.01 33.99 -45.65
CA GLU A 16 5.18 32.79 -45.47
C GLU A 16 5.27 32.14 -44.07
N PRO A 17 4.14 31.67 -43.55
CA PRO A 17 4.10 31.24 -42.14
C PRO A 17 4.84 29.94 -41.85
N ALA A 18 5.41 29.86 -40.64
CA ALA A 18 6.04 28.61 -40.21
C ALA A 18 4.98 27.56 -39.91
N PRO A 19 5.11 26.33 -40.45
CA PRO A 19 4.12 25.29 -40.19
C PRO A 19 3.91 25.00 -38.71
N GLU A 20 4.96 25.15 -37.90
CA GLU A 20 4.79 24.89 -36.48
C GLU A 20 3.89 25.92 -35.84
N ALA A 21 4.06 27.19 -36.23
CA ALA A 21 3.18 28.25 -35.74
C ALA A 21 1.75 28.05 -36.23
N GLU A 22 1.57 27.62 -37.49
CA GLU A 22 0.21 27.39 -37.98
C GLU A 22 -0.48 26.28 -37.20
N ALA A 23 0.25 25.19 -36.98
CA ALA A 23 -0.29 24.07 -36.22
C ALA A 23 -0.64 24.50 -34.80
N LEU A 24 0.16 25.40 -34.22
CA LEU A 24 -0.14 25.86 -32.87
C LEU A 24 -1.42 26.69 -32.84
N ALA A 25 -1.61 27.57 -33.84
CA ALA A 25 -2.85 28.33 -33.90
C ALA A 25 -4.05 27.44 -34.17
N ALA A 26 -3.87 26.35 -34.93
CA ALA A 26 -5.00 25.49 -35.17
C ALA A 26 -5.39 24.74 -33.90
N ALA A 27 -4.41 24.39 -33.06
CA ALA A 27 -4.72 23.80 -31.76
C ALA A 27 -5.43 24.79 -30.84
N ARG A 28 -4.98 26.06 -30.80
CA ARG A 28 -5.68 27.02 -29.95
C ARG A 28 -7.09 27.29 -30.45
N GLU A 29 -7.29 27.33 -31.77
CA GLU A 29 -8.65 27.38 -32.29
C GLU A 29 -9.48 26.15 -31.88
N ARG A 30 -8.90 24.96 -31.96
CA ARG A 30 -9.65 23.79 -31.48
C ARG A 30 -10.07 23.97 -30.02
N SER A 31 -9.16 24.48 -29.19
CA SER A 31 -9.49 24.58 -27.77
C SER A 31 -10.65 25.54 -27.54
N SER A 32 -10.58 26.73 -28.15
CA SER A 32 -11.63 27.70 -27.90
C SER A 32 -12.96 27.23 -28.50
N ARG A 33 -12.93 26.47 -29.61
CA ARG A 33 -14.13 25.81 -30.12
C ARG A 33 -14.71 24.81 -29.11
N PHE A 34 -13.86 24.00 -28.48
CA PHE A 34 -14.39 23.10 -27.47
C PHE A 34 -15.07 23.84 -26.31
N LEU A 35 -14.47 24.95 -25.85
CA LEU A 35 -15.03 25.71 -24.72
C LEU A 35 -16.33 26.42 -25.06
N SER A 36 -16.65 26.56 -26.36
CA SER A 36 -17.66 27.47 -26.90
C SER A 36 -18.99 27.43 -26.16
N GLY A 37 -19.73 26.33 -26.22
CA GLY A 37 -21.05 26.36 -25.62
C GLY A 37 -21.12 25.88 -24.17
N LEU A 38 -19.99 25.80 -23.48
CA LEU A 38 -19.97 25.12 -22.20
C LEU A 38 -20.45 26.02 -21.08
N GLU A 39 -21.08 25.41 -20.07
CA GLU A 39 -21.52 26.16 -18.91
C GLU A 39 -20.36 26.43 -17.95
N LEU A 40 -20.33 27.65 -17.43
CA LEU A 40 -19.36 28.11 -16.46
C LEU A 40 -19.73 27.60 -15.05
N VAL A 41 -18.84 26.88 -14.39
CA VAL A 41 -19.12 26.42 -13.03
C VAL A 41 -18.29 27.11 -11.97
N LYS A 42 -17.18 27.74 -12.33
CA LYS A 42 -16.44 28.49 -11.31
C LYS A 42 -15.68 29.63 -11.97
N GLN A 43 -15.47 30.71 -11.23
CA GLN A 43 -14.66 31.80 -11.78
C GLN A 43 -13.81 32.45 -10.69
N GLY A 44 -12.55 32.75 -11.03
CA GLY A 44 -11.66 33.38 -10.07
C GLY A 44 -11.23 34.72 -10.63
N ALA A 45 -10.11 35.25 -10.14
CA ALA A 45 -9.60 36.47 -10.75
C ALA A 45 -9.13 36.21 -12.17
N GLU A 46 -8.25 35.23 -12.35
CA GLU A 46 -7.67 34.95 -13.66
C GLU A 46 -8.41 33.83 -14.41
N ALA A 47 -8.92 32.84 -13.70
CA ALA A 47 -9.34 31.59 -14.36
C ALA A 47 -10.84 31.45 -14.45
N ARG A 48 -11.25 30.59 -15.39
CA ARG A 48 -12.63 30.21 -15.58
C ARG A 48 -12.63 28.69 -15.65
N VAL A 49 -13.65 28.07 -15.09
CA VAL A 49 -13.83 26.61 -15.11
C VAL A 49 -15.19 26.30 -15.70
N PHE A 50 -15.19 25.48 -16.74
CA PHE A 50 -16.39 25.08 -17.47
C PHE A 50 -16.63 23.58 -17.26
N ARG A 51 -17.90 23.20 -17.33
CA ARG A 51 -18.32 21.81 -17.21
C ARG A 51 -18.46 21.23 -18.62
N GLY A 52 -17.87 20.07 -18.84
CA GLY A 52 -17.98 19.41 -20.12
C GLY A 52 -17.91 17.90 -19.98
N ARG A 53 -17.61 17.25 -21.09
CA ARG A 53 -17.45 15.80 -21.17
C ARG A 53 -16.12 15.52 -21.81
N PHE A 54 -15.38 14.57 -21.25
CA PHE A 54 -14.11 14.15 -21.82
C PHE A 54 -14.07 12.62 -21.99
N GLN A 55 -14.12 12.16 -23.25
CA GLN A 55 -14.12 10.73 -23.62
C GLN A 55 -15.02 9.88 -22.71
N GLY A 56 -16.28 10.32 -22.56
CA GLY A 56 -17.26 9.57 -21.80
C GLY A 56 -17.31 9.85 -20.30
N ARG A 57 -16.50 10.77 -19.79
CA ARG A 57 -16.49 11.07 -18.36
C ARG A 57 -16.92 12.51 -18.15
N ALA A 58 -17.58 12.75 -17.01
CA ALA A 58 -17.88 14.12 -16.62
C ALA A 58 -16.57 14.84 -16.28
N ALA A 59 -16.38 16.02 -16.87
CA ALA A 59 -15.09 16.69 -16.76
C ALA A 59 -15.34 18.18 -16.53
N VAL A 60 -14.36 18.87 -15.95
CA VAL A 60 -14.33 20.32 -16.03
C VAL A 60 -13.04 20.71 -16.78
N ILE A 61 -13.06 21.90 -17.37
CA ILE A 61 -11.94 22.43 -18.15
C ILE A 61 -11.61 23.83 -17.61
N LYS A 62 -10.37 24.02 -17.16
CA LYS A 62 -9.98 25.29 -16.57
C LYS A 62 -9.04 26.07 -17.48
N HIS A 63 -9.34 27.35 -17.70
CA HIS A 63 -8.61 28.16 -18.67
C HIS A 63 -8.56 29.60 -18.16
N ARG A 64 -7.49 30.31 -18.49
CA ARG A 64 -7.38 31.75 -18.22
C ARG A 64 -7.40 32.48 -19.56
N PHE A 65 -8.47 33.24 -19.78
CA PHE A 65 -8.57 34.05 -20.99
C PHE A 65 -7.68 35.29 -20.87
N PRO A 66 -6.96 35.63 -21.94
CA PRO A 66 -6.09 36.82 -21.92
C PRO A 66 -6.87 38.07 -21.54
N LYS A 67 -6.34 38.84 -20.60
CA LYS A 67 -7.03 40.06 -20.27
C LYS A 67 -6.66 41.13 -21.30
N GLY A 68 -7.64 41.98 -21.60
CA GLY A 68 -7.46 42.90 -22.69
C GLY A 68 -6.44 43.99 -22.47
N TYR A 69 -5.87 44.13 -21.28
CA TYR A 69 -4.95 45.26 -21.01
C TYR A 69 -3.53 44.79 -20.80
N ARG A 70 -3.24 43.53 -21.09
CA ARG A 70 -1.92 42.97 -20.85
C ARG A 70 -1.30 42.50 -22.15
N HIS A 71 0.03 42.47 -22.18
CA HIS A 71 0.76 41.99 -23.34
C HIS A 71 0.44 40.52 -23.57
N PRO A 72 0.22 40.09 -24.81
CA PRO A 72 -0.18 38.70 -25.02
C PRO A 72 0.84 37.69 -24.54
N ALA A 73 2.15 38.01 -24.60
CA ALA A 73 3.16 37.03 -24.17
C ALA A 73 3.20 36.90 -22.64
N LEU A 74 2.93 37.99 -21.91
CA LEU A 74 2.83 37.93 -20.46
C LEU A 74 1.67 37.04 -20.02
N GLU A 75 0.54 37.13 -20.73
CA GLU A 75 -0.61 36.29 -20.45
C GLU A 75 -0.30 34.82 -20.69
N ALA A 76 0.43 34.51 -21.77
CA ALA A 76 0.74 33.11 -22.05
C ALA A 76 1.68 32.53 -20.98
N ARG A 77 2.69 33.30 -20.60
CA ARG A 77 3.60 32.91 -19.52
C ARG A 77 2.84 32.62 -18.22
N LEU A 78 1.93 33.51 -17.87
CA LEU A 78 1.12 33.34 -16.67
C LEU A 78 0.27 32.09 -16.76
N GLY A 79 -0.41 31.92 -17.90
CA GLY A 79 -1.22 30.73 -18.06
C GLY A 79 -0.42 29.45 -17.98
N ARG A 80 0.74 29.42 -18.64
CA ARG A 80 1.58 28.23 -18.60
C ARG A 80 2.05 27.95 -17.17
N ARG A 81 2.55 28.98 -16.49
CA ARG A 81 3.10 28.72 -15.17
C ARG A 81 2.05 28.13 -14.22
N ARG A 82 0.86 28.72 -14.20
CA ARG A 82 -0.16 28.26 -13.25
C ARG A 82 -0.75 26.91 -13.66
N THR A 83 -0.91 26.66 -14.97
CA THR A 83 -1.37 25.36 -15.42
C THR A 83 -0.39 24.26 -15.03
N VAL A 84 0.89 24.46 -15.31
CA VAL A 84 1.92 23.49 -14.92
C VAL A 84 1.89 23.26 -13.41
N GLN A 85 1.92 24.35 -12.61
CA GLN A 85 1.92 24.15 -11.16
C GLN A 85 0.69 23.37 -10.71
N GLU A 86 -0.47 23.66 -11.28
CA GLU A 86 -1.68 22.96 -10.82
C GLU A 86 -1.63 21.48 -11.21
N ALA A 87 -1.08 21.15 -12.39
CA ALA A 87 -1.02 19.73 -12.76
C ALA A 87 -0.03 18.96 -11.86
N ARG A 88 1.11 19.57 -11.51
CA ARG A 88 2.05 18.94 -10.58
C ARG A 88 1.42 18.74 -9.21
N ALA A 89 0.72 19.75 -8.72
CA ALA A 89 0.10 19.66 -7.40
C ALA A 89 -0.96 18.56 -7.35
N LEU A 90 -1.75 18.43 -8.42
CA LEU A 90 -2.79 17.43 -8.43
C LEU A 90 -2.19 16.03 -8.49
N LEU A 91 -1.10 15.85 -9.21
CA LEU A 91 -0.42 14.57 -9.18
C LEU A 91 0.11 14.30 -7.77
N ARG A 92 0.73 15.31 -7.17
CA ARG A 92 1.29 15.14 -5.84
C ARG A 92 0.22 14.74 -4.84
N CYS A 93 -0.95 15.41 -4.91
CA CYS A 93 -2.09 15.02 -4.08
C CYS A 93 -2.46 13.56 -4.28
N ARG A 94 -2.67 13.11 -5.54
CA ARG A 94 -3.12 11.73 -5.74
C ARG A 94 -2.14 10.71 -5.16
N ARG A 95 -0.83 10.89 -5.45
CA ARG A 95 0.16 9.95 -4.93
C ARG A 95 0.25 10.00 -3.42
N ALA A 96 -0.12 11.11 -2.81
CA ALA A 96 -0.06 11.18 -1.35
C ALA A 96 -1.39 10.83 -0.69
N GLY A 97 -2.42 10.45 -1.47
CA GLY A 97 -3.68 10.12 -0.86
C GLY A 97 -4.46 11.34 -0.42
N ILE A 98 -4.22 12.48 -1.01
CA ILE A 98 -4.98 13.68 -0.71
C ILE A 98 -6.02 13.83 -1.79
N SER A 99 -7.29 13.86 -1.39
CA SER A 99 -8.37 13.82 -2.37
C SER A 99 -8.50 15.17 -3.06
N ALA A 100 -8.43 15.11 -4.40
CA ALA A 100 -8.48 16.25 -5.30
C ALA A 100 -8.78 15.70 -6.71
N PRO A 101 -9.17 16.55 -7.65
CA PRO A 101 -9.61 16.02 -8.96
C PRO A 101 -8.49 15.27 -9.66
N VAL A 102 -8.87 14.15 -10.30
CA VAL A 102 -7.99 13.48 -11.28
C VAL A 102 -7.74 14.40 -12.49
N VAL A 103 -6.49 14.45 -12.96
CA VAL A 103 -6.16 15.13 -14.21
C VAL A 103 -6.29 14.15 -15.37
N PHE A 104 -7.09 14.52 -16.36
CA PHE A 104 -7.29 13.74 -17.59
C PHE A 104 -6.28 14.09 -18.67
N PHE A 105 -6.02 15.39 -18.84
CA PHE A 105 -5.29 15.91 -19.99
C PHE A 105 -4.91 17.36 -19.71
N VAL A 106 -3.67 17.72 -20.05
CA VAL A 106 -3.24 19.11 -19.95
C VAL A 106 -2.78 19.58 -21.32
N ASP A 107 -3.47 20.58 -21.84
CA ASP A 107 -3.19 21.13 -23.16
C ASP A 107 -2.30 22.36 -23.01
N TYR A 108 -1.00 22.20 -23.24
CA TYR A 108 -0.05 23.31 -23.10
C TYR A 108 -0.01 24.21 -24.31
N ALA A 109 -0.67 23.85 -25.40
CA ALA A 109 -0.80 24.81 -26.49
C ALA A 109 -1.72 25.96 -26.09
N SER A 110 -2.80 25.67 -25.37
CA SER A 110 -3.71 26.72 -24.96
C SER A 110 -3.74 26.90 -23.44
N ASN A 111 -2.93 26.15 -22.69
CA ASN A 111 -2.93 26.23 -21.22
C ASN A 111 -4.32 25.97 -20.63
N CYS A 112 -4.86 24.79 -20.95
CA CYS A 112 -6.19 24.35 -20.54
C CYS A 112 -6.03 23.06 -19.75
N LEU A 113 -6.72 22.95 -18.62
CA LEU A 113 -6.57 21.79 -17.75
C LEU A 113 -7.91 21.05 -17.67
N TYR A 114 -7.94 19.79 -18.13
CA TYR A 114 -9.12 18.93 -18.13
C TYR A 114 -9.07 18.00 -16.93
N MET A 115 -10.09 18.06 -16.10
CA MET A 115 -10.10 17.40 -14.80
C MET A 115 -11.44 16.72 -14.59
N GLU A 116 -11.41 15.78 -13.66
CA GLU A 116 -12.61 15.11 -13.20
C GLU A 116 -13.57 16.13 -12.61
N GLU A 117 -14.85 16.03 -12.99
CA GLU A 117 -15.88 16.82 -12.31
C GLU A 117 -16.26 16.15 -11.00
N ILE A 118 -16.31 16.92 -9.92
CA ILE A 118 -16.71 16.40 -8.62
C ILE A 118 -18.23 16.57 -8.57
N GLU A 119 -18.97 15.55 -9.06
CA GLU A 119 -20.37 15.72 -9.44
C GLU A 119 -21.27 15.85 -8.21
N GLY A 120 -22.20 16.78 -8.28
CA GLY A 120 -23.13 16.94 -7.18
C GLY A 120 -22.54 17.55 -5.92
N SER A 121 -21.33 18.11 -5.97
CA SER A 121 -20.74 18.57 -4.71
C SER A 121 -21.18 20.02 -4.40
N VAL A 122 -21.03 20.38 -3.14
CA VAL A 122 -21.26 21.75 -2.71
C VAL A 122 -19.95 22.24 -2.10
N THR A 123 -19.67 23.53 -2.25
CA THR A 123 -18.50 24.08 -1.59
C THR A 123 -18.72 24.11 -0.08
N VAL A 124 -17.63 23.97 0.66
CA VAL A 124 -17.62 24.17 2.11
C VAL A 124 -18.20 25.53 2.48
N ARG A 125 -17.86 26.54 1.70
CA ARG A 125 -18.46 27.87 1.89
C ARG A 125 -19.98 27.79 1.96
N ASP A 126 -20.60 27.10 0.97
CA ASP A 126 -22.06 27.10 0.91
C ASP A 126 -22.65 26.23 2.01
N TYR A 127 -21.94 25.16 2.35
CA TYR A 127 -22.39 24.25 3.39
C TYR A 127 -22.42 24.97 4.73
N ILE A 128 -21.37 25.74 5.02
CA ILE A 128 -21.31 26.49 6.27
C ILE A 128 -22.43 27.53 6.31
N GLN A 129 -22.52 28.37 5.29
CA GLN A 129 -23.53 29.42 5.36
C GLN A 129 -24.94 28.83 5.48
N SER A 130 -25.19 27.70 4.80
CA SER A 130 -26.48 27.01 4.94
C SER A 130 -26.72 26.58 6.38
N THR A 131 -25.72 25.93 6.97
CA THR A 131 -25.84 25.47 8.36
C THR A 131 -26.08 26.64 9.30
N MET A 132 -25.34 27.75 9.10
CA MET A 132 -25.54 28.95 9.91
C MET A 132 -26.97 29.50 9.77
N GLU A 133 -27.60 29.34 8.61
CA GLU A 133 -28.94 29.90 8.44
C GLU A 133 -30.04 28.98 8.95
N THR A 134 -29.84 27.66 8.87
CA THR A 134 -30.84 26.74 9.39
C THR A 134 -30.70 26.60 10.90
N GLU A 135 -29.55 26.10 11.34
CA GLU A 135 -29.19 26.17 12.74
C GLU A 135 -29.00 27.65 13.04
N LYS A 136 -28.66 28.01 14.26
CA LYS A 136 -28.31 29.40 14.53
C LYS A 136 -26.91 29.49 15.11
N THR A 137 -26.20 28.37 15.17
CA THR A 137 -24.93 28.27 15.87
C THR A 137 -24.00 27.36 15.09
N PRO A 138 -22.69 27.53 15.26
CA PRO A 138 -21.72 26.73 14.49
C PRO A 138 -21.42 25.40 15.17
N GLN A 139 -22.28 25.05 16.15
CA GLN A 139 -22.05 23.89 17.02
C GLN A 139 -21.83 22.62 16.22
N GLY A 140 -22.69 22.37 15.25
CA GLY A 140 -22.68 21.18 14.44
C GLY A 140 -21.70 21.20 13.29
N LEU A 141 -20.74 22.13 13.27
CA LEU A 141 -19.68 22.18 12.26
C LEU A 141 -18.36 21.66 12.78
N SER A 142 -18.34 21.13 13.99
CA SER A 142 -17.10 20.65 14.59
C SER A 142 -16.47 19.52 13.78
N ASN A 143 -17.28 18.57 13.32
CA ASN A 143 -16.71 17.45 12.57
C ASN A 143 -16.16 17.93 11.23
N LEU A 144 -16.85 18.87 10.60
CA LEU A 144 -16.32 19.46 9.38
C LEU A 144 -14.95 20.11 9.62
N ALA A 145 -14.84 20.89 10.70
CA ALA A 145 -13.57 21.53 11.06
C ALA A 145 -12.49 20.47 11.29
N LYS A 146 -12.81 19.42 12.02
CA LYS A 146 -11.81 18.40 12.30
C LYS A 146 -11.35 17.73 11.01
N THR A 147 -12.27 17.46 10.10
CA THR A 147 -11.91 16.85 8.82
C THR A 147 -11.00 17.74 7.99
N ILE A 148 -11.35 19.01 7.86
CA ILE A 148 -10.45 19.93 7.14
C ILE A 148 -9.08 19.96 7.80
N GLY A 149 -9.05 19.94 9.13
CA GLY A 149 -7.77 19.88 9.83
C GLY A 149 -6.92 18.69 9.42
N GLN A 150 -7.54 17.51 9.33
CA GLN A 150 -6.82 16.31 8.94
C GLN A 150 -6.31 16.41 7.51
N VAL A 151 -7.15 16.92 6.59
CA VAL A 151 -6.77 17.02 5.17
C VAL A 151 -5.60 18.00 4.98
N LEU A 152 -5.72 19.23 5.49
CA LEU A 152 -4.64 20.20 5.30
C LEU A 152 -3.36 19.81 6.04
N ALA A 153 -3.50 19.11 7.17
CA ALA A 153 -2.33 18.52 7.85
C ALA A 153 -1.57 17.59 6.90
N ARG A 154 -2.29 16.66 6.23
CA ARG A 154 -1.67 15.73 5.28
C ARG A 154 -1.02 16.49 4.12
N MET A 155 -1.70 17.52 3.62
CA MET A 155 -1.19 18.30 2.50
C MET A 155 0.10 19.02 2.88
N HIS A 156 0.13 19.66 4.05
CA HIS A 156 1.33 20.34 4.50
C HIS A 156 2.44 19.35 4.79
N ASP A 157 2.11 18.16 5.33
CA ASP A 157 3.16 17.17 5.57
C ASP A 157 3.79 16.67 4.28
N GLU A 158 3.09 16.81 3.14
CA GLU A 158 3.73 16.60 1.86
C GLU A 158 4.43 17.83 1.35
N ASP A 159 4.54 18.89 2.18
CA ASP A 159 5.22 20.12 1.77
C ASP A 159 4.53 20.79 0.57
N LEU A 160 3.23 20.58 0.45
CA LEU A 160 2.45 21.20 -0.62
C LEU A 160 1.74 22.41 -0.03
N ILE A 161 2.10 23.61 -0.50
CA ILE A 161 1.42 24.85 -0.13
C ILE A 161 0.32 25.10 -1.15
N HIS A 162 -0.94 25.18 -0.67
CA HIS A 162 -2.07 25.33 -1.58
C HIS A 162 -2.03 26.68 -2.30
N GLY A 163 -1.86 27.76 -1.54
CA GLY A 163 -1.67 29.08 -2.10
C GLY A 163 -2.93 29.91 -2.10
N ASP A 164 -4.09 29.32 -1.84
CA ASP A 164 -5.34 30.04 -2.01
C ASP A 164 -6.42 29.31 -1.24
N LEU A 165 -6.17 28.99 0.04
CA LEU A 165 -7.11 28.18 0.83
C LEU A 165 -8.28 29.04 1.29
N THR A 166 -9.43 28.89 0.66
CA THR A 166 -10.65 29.54 1.07
C THR A 166 -11.69 28.44 1.21
N THR A 167 -12.83 28.79 1.79
CA THR A 167 -13.86 27.77 1.86
C THR A 167 -14.51 27.54 0.51
N SER A 168 -14.26 28.41 -0.49
CA SER A 168 -14.69 28.14 -1.86
C SER A 168 -13.82 27.12 -2.59
N ASN A 169 -12.63 26.80 -2.09
CA ASN A 169 -11.72 25.88 -2.78
C ASN A 169 -11.69 24.52 -2.10
N MET A 170 -12.74 24.19 -1.36
CA MET A 170 -12.95 22.89 -0.79
C MET A 170 -14.36 22.47 -1.16
N LEU A 171 -14.50 21.25 -1.66
CA LEU A 171 -15.77 20.71 -2.08
C LEU A 171 -16.12 19.58 -1.14
N LEU A 172 -17.42 19.42 -0.91
CA LEU A 172 -17.99 18.28 -0.20
C LEU A 172 -18.67 17.40 -1.24
N LYS A 173 -18.10 16.20 -1.47
CA LYS A 173 -18.61 15.25 -2.47
C LYS A 173 -19.74 14.43 -1.86
N PRO A 174 -20.88 14.27 -2.55
CA PRO A 174 -22.02 13.57 -1.94
C PRO A 174 -21.67 12.13 -1.64
N PRO A 175 -22.34 11.51 -0.65
CA PRO A 175 -23.38 12.13 0.20
C PRO A 175 -22.78 13.20 1.14
N LEU A 176 -23.41 14.39 1.20
CA LEU A 176 -22.80 15.55 1.87
C LEU A 176 -22.44 15.24 3.33
N GLU A 177 -23.31 14.54 4.07
CA GLU A 177 -23.07 14.37 5.49
C GLU A 177 -21.90 13.44 5.78
N GLN A 178 -21.37 12.73 4.77
CA GLN A 178 -20.14 11.97 4.95
C GLN A 178 -18.91 12.86 5.10
N LEU A 179 -19.06 14.15 4.80
CA LEU A 179 -17.98 15.14 4.84
C LEU A 179 -16.77 14.69 4.02
N ASN A 180 -17.00 14.38 2.74
CA ASN A 180 -15.92 13.98 1.82
C ASN A 180 -15.30 15.23 1.20
N ILE A 181 -14.23 15.73 1.80
CA ILE A 181 -13.57 16.95 1.35
C ILE A 181 -12.72 16.66 0.13
N VAL A 182 -12.89 17.47 -0.92
CA VAL A 182 -12.05 17.42 -2.10
C VAL A 182 -11.44 18.83 -2.29
N LEU A 183 -10.12 18.91 -2.32
CA LEU A 183 -9.44 20.21 -2.49
C LEU A 183 -9.41 20.53 -3.97
N ILE A 184 -9.55 21.81 -4.32
CA ILE A 184 -9.48 22.26 -5.71
C ILE A 184 -8.69 23.56 -5.77
N ASP A 185 -8.32 23.93 -7.00
CA ASP A 185 -7.69 25.20 -7.37
C ASP A 185 -6.30 25.35 -6.79
N PHE A 186 -5.36 24.60 -7.38
CA PHE A 186 -3.94 24.62 -7.03
C PHE A 186 -3.11 25.48 -8.01
N GLY A 187 -3.72 26.43 -8.72
CA GLY A 187 -3.01 27.29 -9.65
C GLY A 187 -1.99 28.18 -8.99
N LEU A 188 -2.10 28.43 -7.67
CA LEU A 188 -1.14 29.25 -6.93
C LEU A 188 -0.30 28.44 -5.95
N SER A 189 -0.30 27.11 -6.09
CA SER A 189 0.40 26.26 -5.16
C SER A 189 1.90 26.21 -5.47
N PHE A 190 2.68 25.71 -4.51
CA PHE A 190 4.09 25.45 -4.68
C PHE A 190 4.57 24.51 -3.58
N ILE A 191 5.78 24.00 -3.72
CA ILE A 191 6.35 23.04 -2.79
C ILE A 191 7.23 23.80 -1.80
N SER A 192 6.99 23.60 -0.50
CA SER A 192 7.86 24.24 0.49
C SER A 192 7.77 23.50 1.79
N ALA A 193 8.92 23.30 2.45
CA ALA A 193 8.90 22.75 3.79
C ALA A 193 8.97 23.84 4.86
N LEU A 194 9.01 25.12 4.49
CA LEU A 194 9.27 26.18 5.47
C LEU A 194 8.03 26.44 6.31
N PRO A 195 8.13 26.41 7.63
CA PRO A 195 6.95 26.71 8.46
C PRO A 195 6.31 28.06 8.12
N GLU A 196 7.09 29.05 7.68
CA GLU A 196 6.50 30.34 7.33
C GLU A 196 5.52 30.21 6.18
N ASP A 197 5.90 29.44 5.14
CA ASP A 197 5.01 29.25 4.00
C ASP A 197 3.73 28.51 4.40
N LYS A 198 3.87 27.49 5.27
CA LYS A 198 2.68 26.81 5.77
C LYS A 198 1.87 27.73 6.66
N GLY A 199 2.55 28.58 7.43
CA GLY A 199 1.84 29.55 8.27
C GLY A 199 1.03 30.55 7.46
N VAL A 200 1.60 31.08 6.38
CA VAL A 200 0.87 32.02 5.53
C VAL A 200 -0.35 31.35 4.86
N ASP A 201 -0.17 30.11 4.37
CA ASP A 201 -1.28 29.32 3.83
C ASP A 201 -2.47 29.31 4.78
N LEU A 202 -2.22 28.99 6.06
CA LEU A 202 -3.27 28.93 7.10
C LEU A 202 -3.87 30.31 7.34
N TYR A 203 -3.04 31.34 7.31
CA TYR A 203 -3.52 32.70 7.54
C TYR A 203 -4.49 33.13 6.45
N VAL A 204 -4.19 32.78 5.20
CA VAL A 204 -5.13 33.06 4.10
C VAL A 204 -6.47 32.41 4.41
N LEU A 205 -6.46 31.15 4.86
CA LEU A 205 -7.70 30.46 5.23
C LEU A 205 -8.37 31.09 6.45
N GLU A 206 -7.60 31.46 7.48
CA GLU A 206 -8.20 32.14 8.63
C GLU A 206 -8.97 33.40 8.18
N LYS A 207 -8.32 34.24 7.38
CA LYS A 207 -8.92 35.48 6.93
C LYS A 207 -10.19 35.22 6.12
N ALA A 208 -10.20 34.17 5.28
CA ALA A 208 -11.41 33.80 4.53
C ALA A 208 -12.54 33.40 5.47
N PHE A 209 -12.26 32.56 6.47
CA PHE A 209 -13.24 32.19 7.48
C PHE A 209 -13.78 33.40 8.20
N LEU A 210 -12.89 34.23 8.75
CA LEU A 210 -13.35 35.37 9.55
C LEU A 210 -14.19 36.31 8.69
N SER A 211 -13.83 36.48 7.42
CA SER A 211 -14.54 37.52 6.71
C SER A 211 -15.74 36.97 5.94
N THR A 212 -15.71 35.70 5.54
CA THR A 212 -16.83 35.13 4.80
C THR A 212 -17.85 34.45 5.71
N HIS A 213 -17.42 33.96 6.87
CA HIS A 213 -18.29 33.26 7.84
C HIS A 213 -18.14 33.94 9.21
N PRO A 214 -18.59 35.18 9.34
CA PRO A 214 -18.47 35.86 10.64
C PRO A 214 -19.12 35.03 11.75
N ASN A 215 -18.50 35.09 12.94
CA ASN A 215 -19.01 34.39 14.13
C ASN A 215 -18.98 32.86 14.01
N THR A 216 -17.86 32.34 13.47
CA THR A 216 -17.53 30.93 13.41
C THR A 216 -16.12 30.71 13.96
N GLU A 217 -15.70 31.57 14.89
CA GLU A 217 -14.37 31.44 15.49
C GLU A 217 -14.16 30.06 16.11
N THR A 218 -15.21 29.48 16.70
CA THR A 218 -15.06 28.15 17.31
C THR A 218 -14.85 27.09 16.25
N VAL A 219 -15.39 27.29 15.04
CA VAL A 219 -15.10 26.39 13.94
C VAL A 219 -13.61 26.47 13.58
N PHE A 220 -13.06 27.70 13.45
CA PHE A 220 -11.65 27.78 13.10
C PHE A 220 -10.79 27.27 14.24
N GLU A 221 -11.23 27.46 15.47
CA GLU A 221 -10.51 26.92 16.63
C GLU A 221 -10.41 25.38 16.56
N ALA A 222 -11.53 24.70 16.28
CA ALA A 222 -11.47 23.25 16.14
C ALA A 222 -10.63 22.83 14.94
N PHE A 223 -10.63 23.62 13.88
CA PHE A 223 -9.76 23.31 12.75
C PHE A 223 -8.31 23.26 13.21
N LEU A 224 -7.88 24.29 13.96
CA LEU A 224 -6.49 24.39 14.42
C LEU A 224 -6.13 23.26 15.37
N LYS A 225 -7.05 22.91 16.27
CA LYS A 225 -6.77 21.79 17.17
C LYS A 225 -6.57 20.50 16.39
N SER A 226 -7.44 20.24 15.40
CA SER A 226 -7.32 19.04 14.57
C SER A 226 -6.02 19.04 13.76
N TYR A 227 -5.74 20.15 13.09
CA TYR A 227 -4.46 20.32 12.39
C TYR A 227 -3.28 19.98 13.30
N SER A 228 -3.29 20.51 14.53
CA SER A 228 -2.15 20.38 15.42
C SER A 228 -1.92 18.94 15.84
N THR A 229 -2.98 18.18 16.05
CA THR A 229 -2.75 16.79 16.43
C THR A 229 -2.50 15.90 15.23
N SER A 230 -2.82 16.35 14.03
CA SER A 230 -2.68 15.53 12.84
C SER A 230 -1.30 15.59 12.22
N SER A 231 -0.64 16.73 12.31
CA SER A 231 0.71 16.92 11.80
C SER A 231 1.67 17.01 12.98
N LYS A 232 2.77 16.26 12.91
CA LYS A 232 3.83 16.38 13.90
C LYS A 232 4.70 17.61 13.68
N LYS A 233 4.46 18.35 12.60
CA LYS A 233 5.24 19.55 12.28
C LYS A 233 4.44 20.82 12.50
N ALA A 234 3.24 20.73 13.09
CA ALA A 234 2.35 21.88 13.23
C ALA A 234 2.89 22.96 14.19
N ARG A 235 3.64 22.58 15.22
CA ARG A 235 3.99 23.58 16.23
C ARG A 235 4.69 24.81 15.64
N PRO A 236 5.79 24.70 14.89
CA PRO A 236 6.41 25.90 14.27
C PRO A 236 5.50 26.59 13.27
N VAL A 237 4.65 25.83 12.57
CA VAL A 237 3.69 26.43 11.65
C VAL A 237 2.75 27.37 12.40
N LEU A 238 2.15 26.89 13.50
CA LEU A 238 1.23 27.75 14.23
C LEU A 238 1.94 28.95 14.84
N LYS A 239 3.22 28.81 15.21
CA LYS A 239 3.98 29.99 15.66
C LYS A 239 4.12 31.02 14.54
N LYS A 240 4.38 30.56 13.31
CA LYS A 240 4.48 31.49 12.19
C LYS A 240 3.12 32.11 11.85
N LEU A 241 2.03 31.35 11.99
CA LEU A 241 0.71 31.95 11.84
C LEU A 241 0.57 33.14 12.77
N ASP A 242 0.93 32.96 14.04
CA ASP A 242 0.85 34.09 14.97
C ASP A 242 1.68 35.27 14.46
N GLU A 243 2.86 34.98 13.88
CA GLU A 243 3.78 36.05 13.51
C GLU A 243 3.30 36.77 12.25
N VAL A 244 2.85 36.02 11.23
CA VAL A 244 2.46 36.71 10.00
C VAL A 244 1.19 37.55 10.22
N ARG A 245 0.27 37.13 11.09
CA ARG A 245 -0.90 37.97 11.41
C ARG A 245 -0.46 39.35 11.91
N LEU A 246 0.56 39.38 12.75
CA LEU A 246 1.02 40.66 13.30
C LEU A 246 1.60 41.54 12.21
N ARG A 247 2.48 40.99 11.37
CA ARG A 247 3.11 41.76 10.31
C ARG A 247 2.14 42.23 9.22
N GLY B 1 -21.29 -9.94 -37.71
CA GLY B 1 -20.11 -10.75 -37.49
C GLY B 1 -18.95 -10.02 -36.84
N PRO B 2 -18.47 -8.97 -37.50
CA PRO B 2 -17.29 -8.24 -36.99
C PRO B 2 -17.57 -7.25 -35.87
N HIS B 3 -18.84 -7.06 -35.47
CA HIS B 3 -19.20 -5.89 -34.67
C HIS B 3 -18.56 -5.85 -33.29
N MET B 4 -17.47 -6.59 -33.07
CA MET B 4 -16.80 -6.64 -31.78
C MET B 4 -15.88 -5.47 -31.51
N GLN B 5 -15.54 -4.69 -32.54
CA GLN B 5 -14.70 -3.53 -32.33
C GLN B 5 -15.37 -2.47 -31.46
N LEU B 6 -14.55 -1.69 -30.77
CA LEU B 6 -15.02 -0.58 -29.96
C LEU B 6 -14.46 0.71 -30.56
N THR B 7 -15.34 1.62 -30.95
CA THR B 7 -14.93 2.82 -31.67
C THR B 7 -15.45 4.03 -30.91
N HIS B 8 -14.61 5.06 -30.75
CA HIS B 8 -15.03 6.32 -30.15
C HIS B 8 -14.46 7.47 -30.96
N GLN B 9 -15.25 8.53 -31.11
CA GLN B 9 -14.70 9.80 -31.58
C GLN B 9 -13.90 10.45 -30.47
N LEU B 10 -12.86 11.18 -30.85
CA LEU B 10 -12.17 12.07 -29.92
C LEU B 10 -12.98 13.37 -29.75
N ASP B 11 -13.33 13.71 -28.51
CA ASP B 11 -14.07 14.93 -28.27
C ASP B 11 -13.33 16.17 -28.75
N LEU B 12 -12.01 16.21 -28.54
CA LEU B 12 -11.34 17.44 -28.91
C LEU B 12 -10.91 17.46 -30.37
N PHE B 13 -10.98 16.31 -31.06
CA PHE B 13 -10.57 16.16 -32.46
C PHE B 13 -11.72 15.45 -33.13
N PRO B 14 -12.83 16.15 -33.41
CA PRO B 14 -14.08 15.46 -33.83
C PRO B 14 -13.95 14.66 -35.12
N GLU B 15 -13.04 15.04 -36.02
CA GLU B 15 -12.81 14.26 -37.24
C GLU B 15 -12.12 12.91 -36.99
N CYS B 16 -11.60 12.63 -35.79
CA CYS B 16 -10.80 11.44 -35.52
C CYS B 16 -11.60 10.38 -34.78
N ARG B 17 -11.51 9.14 -35.23
CA ARG B 17 -12.16 8.02 -34.58
C ARG B 17 -11.09 7.04 -34.13
N VAL B 18 -11.13 6.65 -32.85
CA VAL B 18 -10.22 5.64 -32.30
C VAL B 18 -10.94 4.31 -32.32
N THR B 19 -10.25 3.28 -32.82
CA THR B 19 -10.78 1.93 -32.80
C THR B 19 -9.90 1.00 -31.97
N LEU B 20 -10.54 0.14 -31.17
CA LEU B 20 -9.91 -0.89 -30.36
C LEU B 20 -10.36 -2.27 -30.84
N LEU B 21 -9.39 -3.17 -31.05
CA LEU B 21 -9.66 -4.57 -31.40
C LEU B 21 -8.87 -5.44 -30.44
N LEU B 22 -9.53 -6.43 -29.85
CA LEU B 22 -8.93 -7.29 -28.84
C LEU B 22 -8.91 -8.74 -29.34
N PHE B 23 -7.77 -9.41 -29.16
CA PHE B 23 -7.58 -10.77 -29.62
C PHE B 23 -6.96 -11.62 -28.51
N LYS B 24 -7.45 -12.87 -28.40
CA LYS B 24 -6.95 -13.91 -27.53
C LYS B 24 -6.36 -15.05 -28.37
N ASP B 25 -5.56 -15.90 -27.71
CA ASP B 25 -4.98 -17.10 -28.33
C ASP B 25 -4.21 -16.80 -29.60
N VAL B 26 -3.45 -15.70 -29.58
CA VAL B 26 -2.65 -15.28 -30.72
C VAL B 26 -1.43 -16.17 -30.80
N LYS B 27 -1.13 -16.66 -32.01
CA LYS B 27 0.01 -17.56 -32.21
C LYS B 27 1.13 -16.93 -33.02
N ASN B 28 0.94 -15.72 -33.58
CA ASN B 28 1.93 -15.11 -34.47
C ASN B 28 2.36 -13.74 -33.99
N ALA B 29 2.47 -13.53 -32.68
CA ALA B 29 2.82 -12.21 -32.16
C ALA B 29 4.23 -11.77 -32.60
N GLY B 30 5.15 -12.72 -32.79
CA GLY B 30 6.46 -12.38 -33.32
C GLY B 30 6.38 -11.73 -34.70
N ASP B 31 5.60 -12.37 -35.59
CA ASP B 31 5.34 -11.83 -36.92
C ASP B 31 4.70 -10.45 -36.84
N LEU B 32 3.70 -10.28 -35.96
CA LEU B 32 2.98 -9.03 -35.84
C LEU B 32 3.92 -7.90 -35.38
N ARG B 33 4.78 -8.18 -34.41
CA ARG B 33 5.73 -7.17 -33.98
C ARG B 33 6.71 -6.81 -35.08
N ARG B 34 7.22 -7.81 -35.82
CA ARG B 34 8.09 -7.53 -36.96
C ARG B 34 7.38 -6.70 -38.01
N LYS B 35 6.11 -7.02 -38.29
CA LYS B 35 5.33 -6.29 -39.28
C LYS B 35 5.07 -4.87 -38.84
N ALA B 36 4.81 -4.65 -37.54
CA ALA B 36 4.61 -3.29 -37.10
C ALA B 36 5.89 -2.48 -37.31
N MET B 37 7.04 -3.12 -37.08
CA MET B 37 8.31 -2.42 -37.27
C MET B 37 8.60 -2.16 -38.73
N GLU B 38 8.11 -3.02 -39.62
CA GLU B 38 8.24 -2.79 -41.06
C GLU B 38 7.08 -1.96 -41.62
N GLY B 39 6.19 -1.45 -40.79
CA GLY B 39 5.11 -0.64 -41.30
C GLY B 39 4.12 -1.39 -42.16
N THR B 40 4.04 -2.71 -42.07
CA THR B 40 3.10 -3.46 -42.88
C THR B 40 1.87 -3.92 -42.10
N ILE B 41 1.71 -3.44 -40.87
CA ILE B 41 0.46 -3.58 -40.16
C ILE B 41 0.13 -2.23 -39.58
N ASP B 42 -1.14 -1.83 -39.69
CA ASP B 42 -1.60 -0.59 -39.11
C ASP B 42 -1.81 -0.72 -37.60
N GLY B 43 -1.62 0.38 -36.89
CA GLY B 43 -2.13 0.49 -35.55
C GLY B 43 -1.05 0.26 -34.50
N SER B 44 -1.42 0.57 -33.26
CA SER B 44 -0.58 0.27 -32.11
C SER B 44 -0.90 -1.11 -31.57
N LEU B 45 0.12 -1.94 -31.47
CA LEU B 45 0.00 -3.28 -30.90
C LEU B 45 0.32 -3.13 -29.42
N ILE B 46 -0.69 -3.36 -28.57
CA ILE B 46 -0.56 -3.06 -27.15
C ILE B 46 -0.78 -4.33 -26.33
N ASN B 47 -0.05 -4.43 -25.21
CA ASN B 47 -0.22 -5.55 -24.28
C ASN B 47 -1.47 -5.38 -23.43
N PRO B 48 -2.52 -6.19 -23.63
CA PRO B 48 -3.77 -5.92 -22.90
C PRO B 48 -3.70 -6.35 -21.45
N THR B 49 -2.67 -7.12 -21.06
CA THR B 49 -2.61 -7.52 -19.67
C THR B 49 -2.38 -6.35 -18.74
N VAL B 50 -1.93 -5.21 -19.24
CA VAL B 50 -1.71 -4.05 -18.37
C VAL B 50 -2.69 -2.92 -18.67
N ILE B 51 -3.81 -3.19 -19.35
CA ILE B 51 -4.80 -2.16 -19.70
C ILE B 51 -6.04 -2.43 -18.85
N VAL B 52 -6.39 -1.47 -17.98
CA VAL B 52 -7.50 -1.77 -17.11
C VAL B 52 -8.82 -1.33 -17.67
N ASP B 53 -8.84 -0.37 -18.59
CA ASP B 53 -10.11 0.19 -19.06
C ASP B 53 -9.88 0.86 -20.41
N PRO B 54 -10.88 0.85 -21.29
CA PRO B 54 -10.73 1.61 -22.55
C PRO B 54 -10.43 3.09 -22.33
N PHE B 55 -10.94 3.70 -21.26
CA PHE B 55 -10.62 5.11 -20.97
C PHE B 55 -9.11 5.34 -20.96
N GLN B 56 -8.35 4.37 -20.47
CA GLN B 56 -6.89 4.50 -20.44
C GLN B 56 -6.30 4.66 -21.84
N ILE B 57 -6.81 3.87 -22.79
CA ILE B 57 -6.40 3.95 -24.18
C ILE B 57 -6.83 5.28 -24.80
N LEU B 58 -8.07 5.74 -24.52
CA LEU B 58 -8.59 6.97 -25.13
C LEU B 58 -7.84 8.21 -24.64
N VAL B 59 -7.42 8.22 -23.36
CA VAL B 59 -6.58 9.32 -22.85
C VAL B 59 -5.23 9.34 -23.58
N ALA B 60 -4.61 8.15 -23.71
CA ALA B 60 -3.34 8.01 -24.42
C ALA B 60 -3.49 8.45 -25.88
N ALA B 61 -4.62 8.11 -26.49
CA ALA B 61 -4.77 8.43 -27.91
C ALA B 61 -5.04 9.91 -28.12
N ASN B 62 -5.85 10.50 -27.23
CA ASN B 62 -6.12 11.93 -27.32
C ASN B 62 -4.81 12.71 -27.30
N LYS B 63 -3.97 12.41 -26.31
CA LYS B 63 -2.70 13.11 -26.18
C LYS B 63 -1.80 12.87 -27.38
N ALA B 64 -1.80 11.65 -27.93
CA ALA B 64 -0.94 11.32 -29.07
C ALA B 64 -1.37 12.09 -30.32
N VAL B 65 -2.67 12.17 -30.60
CA VAL B 65 -3.14 12.98 -31.71
C VAL B 65 -2.80 14.47 -31.51
N HIS B 66 -3.01 14.97 -30.30
CA HIS B 66 -2.68 16.37 -29.97
C HIS B 66 -1.24 16.70 -30.33
N LEU B 67 -0.29 15.94 -29.78
CA LEU B 67 1.12 16.21 -30.03
C LEU B 67 1.43 15.97 -31.48
N TYR B 68 0.73 15.03 -32.04
CA TYR B 68 0.99 14.70 -33.42
C TYR B 68 0.60 15.85 -34.37
N LYS B 69 -0.58 16.47 -34.15
CA LYS B 69 -0.92 17.66 -34.94
C LYS B 69 0.00 18.84 -34.63
N LEU B 70 0.53 18.96 -33.40
CA LEU B 70 1.49 20.04 -33.12
C LEU B 70 2.85 19.76 -33.69
N GLY B 71 3.13 18.55 -34.17
CA GLY B 71 4.48 18.20 -34.53
C GLY B 71 5.43 18.07 -33.34
N LYS B 72 4.91 17.71 -32.16
CA LYS B 72 5.70 17.71 -30.93
C LYS B 72 5.66 16.36 -30.26
N MET B 73 5.59 15.28 -31.03
CA MET B 73 5.53 13.96 -30.41
C MET B 73 6.87 13.62 -29.75
N LYS B 74 6.82 12.80 -28.68
CA LYS B 74 8.08 12.33 -28.10
C LYS B 74 8.72 11.20 -28.91
N THR B 75 7.94 10.37 -29.58
CA THR B 75 8.44 9.22 -30.33
C THR B 75 8.33 9.49 -31.83
N ARG B 76 8.70 8.49 -32.63
CA ARG B 76 8.80 8.73 -34.07
C ARG B 76 7.46 8.64 -34.82
N THR B 77 6.45 7.92 -34.33
CA THR B 77 5.18 7.77 -35.06
C THR B 77 4.00 7.82 -34.12
N LEU B 78 2.82 8.08 -34.70
CA LEU B 78 1.60 8.12 -33.91
C LEU B 78 1.39 6.82 -33.17
N SER B 79 1.64 5.68 -33.85
CA SER B 79 1.41 4.39 -33.21
C SER B 79 2.33 4.19 -32.02
N THR B 80 3.60 4.57 -32.14
CA THR B 80 4.45 4.43 -30.97
C THR B 80 4.08 5.44 -29.89
N GLU B 81 3.49 6.57 -30.29
CA GLU B 81 3.20 7.62 -29.31
C GLU B 81 2.07 7.19 -28.38
N ILE B 82 1.04 6.56 -28.94
CA ILE B 82 -0.05 6.03 -28.13
C ILE B 82 0.49 5.08 -27.07
N ILE B 83 1.40 4.19 -27.46
CA ILE B 83 1.92 3.22 -26.50
C ILE B 83 2.76 3.91 -25.43
N PHE B 84 3.65 4.81 -25.86
CA PHE B 84 4.48 5.54 -24.90
C PHE B 84 3.64 6.28 -23.87
N ASN B 85 2.53 6.89 -24.31
CA ASN B 85 1.67 7.63 -23.41
C ASN B 85 1.05 6.79 -22.28
N LEU B 86 0.97 5.45 -22.44
CA LEU B 86 0.43 4.61 -21.40
C LEU B 86 1.36 4.48 -20.21
N SER B 87 2.66 4.65 -20.45
CA SER B 87 3.64 4.38 -19.41
C SER B 87 3.64 5.47 -18.35
N PRO B 88 3.94 5.13 -17.10
CA PRO B 88 4.08 6.17 -16.05
C PRO B 88 5.37 7.00 -16.15
N ASN B 89 6.35 6.63 -17.00
CA ASN B 89 7.68 7.21 -17.08
C ASN B 89 7.91 7.81 -18.45
N ASN B 90 9.01 8.57 -18.56
CA ASN B 90 9.42 9.17 -19.82
C ASN B 90 10.51 8.34 -20.53
N ASN B 91 10.77 7.13 -20.09
CA ASN B 91 11.75 6.29 -20.77
C ASN B 91 11.06 5.66 -21.98
N ILE B 92 11.40 6.12 -23.19
CA ILE B 92 10.66 5.69 -24.38
C ILE B 92 10.86 4.20 -24.64
N SER B 93 12.11 3.74 -24.60
CA SER B 93 12.42 2.36 -24.90
C SER B 93 11.76 1.40 -23.90
N GLU B 94 11.78 1.76 -22.61
CA GLU B 94 11.09 0.98 -21.59
C GLU B 94 9.59 0.91 -21.81
N ALA B 95 8.96 2.02 -22.14
CA ALA B 95 7.52 2.03 -22.40
C ALA B 95 7.15 1.09 -23.53
N LEU B 96 7.89 1.16 -24.64
CA LEU B 96 7.51 0.36 -25.81
C LEU B 96 7.69 -1.13 -25.57
N LYS B 97 8.61 -1.53 -24.67
CA LYS B 97 8.79 -2.94 -24.32
C LYS B 97 7.72 -3.44 -23.35
N LYS B 98 7.37 -2.66 -22.33
CA LYS B 98 6.41 -3.13 -21.33
C LYS B 98 4.97 -3.03 -21.82
N PHE B 99 4.64 -1.98 -22.57
CA PHE B 99 3.26 -1.79 -23.08
C PHE B 99 3.03 -2.27 -24.52
N GLY B 100 4.09 -2.50 -25.32
CA GLY B 100 3.95 -3.09 -26.64
C GLY B 100 3.93 -4.61 -26.55
N ILE B 101 3.93 -5.28 -27.70
CA ILE B 101 3.83 -6.73 -27.64
C ILE B 101 5.16 -7.37 -27.97
N SER B 102 5.37 -8.56 -27.41
CA SER B 102 6.49 -9.43 -27.71
C SER B 102 5.99 -10.71 -28.35
N ALA B 103 6.93 -11.49 -28.91
CA ALA B 103 6.62 -12.84 -29.36
C ALA B 103 6.12 -13.73 -28.23
N ASN B 104 6.45 -13.40 -26.98
CA ASN B 104 5.94 -14.15 -25.82
C ASN B 104 4.43 -13.98 -25.61
N ASP B 105 3.77 -13.00 -26.24
CA ASP B 105 2.39 -12.67 -25.90
C ASP B 105 1.38 -13.48 -26.72
N THR B 106 0.26 -13.84 -26.08
CA THR B 106 -0.85 -14.50 -26.75
C THR B 106 -2.15 -13.71 -26.72
N SER B 107 -2.15 -12.49 -26.17
CA SER B 107 -3.29 -11.59 -26.23
C SER B 107 -2.80 -10.25 -26.74
N ILE B 108 -3.59 -9.60 -27.60
CA ILE B 108 -3.15 -8.36 -28.20
C ILE B 108 -4.33 -7.42 -28.31
N LEU B 109 -4.07 -6.15 -28.08
CA LEU B 109 -5.01 -5.09 -28.29
C LEU B 109 -4.43 -4.24 -29.42
N ILE B 110 -5.19 -4.06 -30.49
CA ILE B 110 -4.74 -3.21 -31.59
C ILE B 110 -5.53 -1.94 -31.49
N VAL B 111 -4.85 -0.80 -31.52
CA VAL B 111 -5.51 0.49 -31.46
C VAL B 111 -5.14 1.26 -32.71
N TYR B 112 -6.13 1.82 -33.42
CA TYR B 112 -5.75 2.66 -34.54
C TYR B 112 -6.69 3.86 -34.63
N ILE B 113 -6.26 4.87 -35.37
CA ILE B 113 -6.99 6.12 -35.45
C ILE B 113 -7.23 6.44 -36.92
N GLU B 114 -8.48 6.81 -37.25
CA GLU B 114 -8.84 7.20 -38.61
C GLU B 114 -9.31 8.65 -38.63
N GLU B 115 -9.07 9.33 -39.74
CA GLU B 115 -9.51 10.71 -39.95
C GLU B 115 -9.54 10.97 -41.45
N GLY B 116 -10.68 11.39 -41.98
CA GLY B 116 -10.74 11.81 -43.39
C GLY B 116 -10.35 10.69 -44.33
N GLU B 117 -9.38 10.96 -45.19
CA GLU B 117 -8.97 9.99 -46.18
C GLU B 117 -8.02 8.94 -45.62
N LYS B 118 -7.59 9.09 -44.37
CA LYS B 118 -6.73 8.12 -43.69
C LYS B 118 -7.64 7.05 -43.11
N GLN B 119 -7.77 5.94 -43.80
CA GLN B 119 -8.66 4.86 -43.38
C GLN B 119 -7.91 3.54 -43.29
N ILE B 120 -8.36 2.67 -42.39
CA ILE B 120 -7.75 1.36 -42.18
C ILE B 120 -8.66 0.30 -42.81
N ASN B 121 -8.07 -0.65 -43.51
CA ASN B 121 -8.81 -1.83 -43.98
C ASN B 121 -8.92 -2.77 -42.79
N GLN B 122 -10.05 -2.70 -42.06
CA GLN B 122 -10.19 -3.46 -40.83
C GLN B 122 -10.23 -4.98 -41.08
N GLU B 123 -10.88 -5.41 -42.15
CA GLU B 123 -10.96 -6.85 -42.39
C GLU B 123 -9.56 -7.43 -42.68
N TYR B 124 -8.77 -6.71 -43.49
CA TYR B 124 -7.41 -7.12 -43.79
C TYR B 124 -6.56 -7.15 -42.54
N LEU B 125 -6.70 -6.13 -41.69
CA LEU B 125 -5.97 -6.12 -40.42
C LEU B 125 -6.30 -7.34 -39.56
N ILE B 126 -7.59 -7.63 -39.39
CA ILE B 126 -8.00 -8.76 -38.56
C ILE B 126 -7.45 -10.07 -39.16
N SER B 127 -7.45 -10.19 -40.49
CA SER B 127 -6.92 -11.37 -41.15
C SER B 127 -5.42 -11.60 -40.86
N GLN B 128 -4.66 -10.56 -40.51
CA GLN B 128 -3.23 -10.74 -40.25
C GLN B 128 -2.94 -11.38 -38.89
N VAL B 129 -3.91 -11.36 -37.97
CA VAL B 129 -3.69 -11.87 -36.62
C VAL B 129 -4.05 -13.35 -36.62
N GLU B 130 -3.11 -14.21 -36.25
CA GLU B 130 -3.46 -15.62 -36.14
C GLU B 130 -3.97 -15.81 -34.70
N GLY B 131 -5.26 -15.52 -34.52
CA GLY B 131 -5.84 -15.52 -33.18
C GLY B 131 -7.32 -15.25 -33.27
N HIS B 132 -7.95 -15.16 -32.11
CA HIS B 132 -9.42 -15.07 -32.04
C HIS B 132 -9.83 -13.68 -31.56
N GLN B 133 -10.52 -12.93 -32.42
CA GLN B 133 -11.00 -11.63 -31.97
C GLN B 133 -12.11 -11.84 -30.93
N VAL B 134 -12.09 -11.00 -29.89
CA VAL B 134 -13.13 -11.04 -28.88
C VAL B 134 -13.58 -9.61 -28.59
N SER B 135 -14.79 -9.52 -28.04
CA SER B 135 -15.34 -8.27 -27.57
C SER B 135 -14.50 -7.69 -26.43
N LEU B 136 -14.46 -6.36 -26.35
CA LEU B 136 -13.73 -5.75 -25.23
C LEU B 136 -14.36 -6.04 -23.87
N LYS B 137 -15.59 -6.57 -23.81
CA LYS B 137 -16.07 -7.01 -22.50
C LYS B 137 -15.12 -8.05 -21.92
N ASN B 138 -14.27 -8.68 -22.75
CA ASN B 138 -13.37 -9.72 -22.27
C ASN B 138 -12.13 -9.17 -21.61
N LEU B 139 -11.90 -7.86 -21.65
CA LEU B 139 -10.66 -7.30 -21.16
C LEU B 139 -10.39 -7.60 -19.68
N PRO B 140 -11.37 -7.55 -18.76
CA PRO B 140 -11.09 -7.93 -17.35
C PRO B 140 -10.53 -9.32 -17.17
N GLU B 141 -10.85 -10.28 -18.06
CA GLU B 141 -10.30 -11.63 -17.95
C GLU B 141 -8.85 -11.66 -18.41
N ILE B 142 -8.46 -10.73 -19.26
CA ILE B 142 -7.09 -10.67 -19.78
C ILE B 142 -6.19 -9.80 -18.89
N MET B 143 -6.66 -8.64 -18.47
CA MET B 143 -5.87 -7.75 -17.62
C MET B 143 -5.45 -8.45 -16.32
N ASN B 144 -4.21 -8.20 -15.91
CA ASN B 144 -3.60 -8.80 -14.72
C ASN B 144 -3.31 -7.71 -13.68
N ILE B 145 -4.11 -7.67 -12.61
CA ILE B 145 -4.04 -6.57 -11.64
C ILE B 145 -2.67 -6.52 -10.98
N THR B 146 -2.10 -7.69 -10.65
CA THR B 146 -0.77 -7.74 -10.07
C THR B 146 0.26 -7.02 -10.94
N GLU B 147 0.24 -7.33 -12.25
CA GLU B 147 1.19 -6.74 -13.18
C GLU B 147 0.94 -5.24 -13.31
N VAL B 148 -0.33 -4.84 -13.39
CA VAL B 148 -0.64 -3.41 -13.47
C VAL B 148 -0.07 -2.66 -12.28
N LYS B 149 -0.31 -3.18 -11.07
CA LYS B 149 0.15 -2.48 -9.86
C LYS B 149 1.66 -2.37 -9.81
N LYS B 150 2.38 -3.37 -10.34
CA LYS B 150 3.83 -3.31 -10.38
C LYS B 150 4.29 -2.25 -11.37
N ILE B 151 3.75 -2.24 -12.59
CA ILE B 151 4.20 -1.28 -13.59
C ILE B 151 4.00 0.16 -13.11
N TYR B 152 2.80 0.47 -12.65
CA TYR B 152 2.48 1.84 -12.31
C TYR B 152 2.89 2.19 -10.89
N LYS B 153 3.44 1.23 -10.14
CA LYS B 153 3.88 1.48 -8.77
C LYS B 153 2.78 2.16 -7.97
N LEU B 154 1.55 1.65 -8.13
CA LEU B 154 0.43 2.21 -7.39
C LEU B 154 0.57 1.82 -5.92
N SER B 155 0.37 2.79 -5.04
CA SER B 155 0.51 2.58 -3.60
C SER B 155 -0.87 2.57 -2.93
N SER B 156 -0.86 2.48 -1.61
CA SER B 156 -2.11 2.35 -0.88
C SER B 156 -2.74 3.70 -0.61
N GLN B 157 -1.93 4.76 -0.45
CA GLN B 157 -2.47 6.12 -0.46
C GLN B 157 -3.31 6.34 -1.71
N GLU B 158 -2.75 6.10 -2.90
CA GLU B 158 -3.51 6.29 -4.13
C GLU B 158 -4.82 5.49 -4.08
N GLU B 159 -4.71 4.20 -3.68
CA GLU B 159 -5.87 3.32 -3.68
C GLU B 159 -6.90 3.73 -2.63
N SER B 160 -6.47 4.44 -1.59
CA SER B 160 -7.38 4.84 -0.53
C SER B 160 -8.37 5.93 -0.95
N ILE B 161 -8.14 6.59 -2.07
CA ILE B 161 -8.96 7.76 -2.41
C ILE B 161 -9.54 7.67 -3.80
N GLY B 162 -9.43 6.52 -4.45
CA GLY B 162 -10.02 6.37 -5.77
C GLY B 162 -9.68 5.02 -6.36
N THR B 163 -9.85 4.89 -7.67
CA THR B 163 -9.65 3.61 -8.36
C THR B 163 -8.22 3.52 -8.87
N LEU B 164 -7.79 2.30 -9.15
CA LEU B 164 -6.50 2.16 -9.80
C LEU B 164 -6.49 2.92 -11.12
N LEU B 165 -7.60 2.87 -11.87
CA LEU B 165 -7.68 3.58 -13.15
C LEU B 165 -7.38 5.07 -12.96
N ASP B 166 -8.03 5.69 -11.97
CA ASP B 166 -7.85 7.12 -11.76
C ASP B 166 -6.40 7.44 -11.42
N ALA B 167 -5.72 6.59 -10.66
CA ALA B 167 -4.31 6.86 -10.34
C ALA B 167 -3.44 6.71 -11.58
N ILE B 168 -3.75 5.70 -12.39
CA ILE B 168 -3.03 5.50 -13.65
C ILE B 168 -3.20 6.70 -14.55
N ILE B 169 -4.45 7.15 -14.72
CA ILE B 169 -4.71 8.30 -15.57
C ILE B 169 -3.95 9.52 -15.07
N CYS B 170 -4.00 9.75 -13.75
CA CYS B 170 -3.28 10.90 -13.20
C CYS B 170 -1.78 10.82 -13.52
N ARG B 171 -1.20 9.63 -13.45
CA ARG B 171 0.21 9.44 -13.75
C ARG B 171 0.49 9.75 -15.22
N MET B 172 -0.36 9.22 -16.10
CA MET B 172 -0.16 9.40 -17.54
C MET B 172 -0.26 10.87 -17.95
N SER B 173 -1.21 11.59 -17.36
CA SER B 173 -1.58 12.90 -17.86
C SER B 173 -0.63 14.01 -17.39
N THR B 174 0.24 13.73 -16.42
CA THR B 174 1.13 14.76 -15.86
C THR B 174 2.61 14.43 -16.01
N LYS B 175 2.95 13.27 -16.57
CA LYS B 175 4.37 12.87 -16.61
C LYS B 175 5.21 13.76 -17.52
N ASP B 176 4.58 14.50 -18.42
CA ASP B 176 5.34 15.43 -19.26
C ASP B 176 5.78 16.69 -18.52
N VAL B 177 5.30 16.93 -17.31
CA VAL B 177 5.86 18.03 -16.54
C VAL B 177 6.53 17.52 -15.28
N LEU B 178 6.79 16.21 -15.24
CA LEU B 178 7.13 15.41 -14.05
C LEU B 178 6.53 15.94 -12.75
N GLU C 20 12.06 -25.63 39.93
CA GLU C 20 12.49 -25.55 38.54
C GLU C 20 11.77 -26.59 37.71
N ALA C 21 11.66 -27.81 38.21
CA ALA C 21 10.93 -28.87 37.49
C ALA C 21 9.44 -28.84 37.77
N GLU C 22 9.04 -28.38 38.96
CA GLU C 22 7.62 -28.18 39.21
C GLU C 22 7.07 -26.99 38.43
N ALA C 23 7.92 -26.01 38.08
CA ALA C 23 7.47 -24.86 37.30
C ALA C 23 7.37 -25.22 35.82
N LEU C 24 8.32 -26.00 35.32
CA LEU C 24 8.21 -26.55 33.98
C LEU C 24 6.92 -27.37 33.84
N ALA C 25 6.65 -28.24 34.80
CA ALA C 25 5.44 -29.05 34.74
C ALA C 25 4.19 -28.17 34.75
N ALA C 26 4.19 -27.10 35.57
CA ALA C 26 3.08 -26.15 35.55
C ALA C 26 2.95 -25.49 34.18
N ALA C 27 4.06 -25.07 33.58
CA ALA C 27 3.98 -24.44 32.26
C ALA C 27 3.40 -25.40 31.23
N ARG C 28 3.85 -26.67 31.25
CA ARG C 28 3.35 -27.64 30.28
C ARG C 28 1.86 -27.92 30.44
N GLU C 29 1.38 -28.08 31.69
CA GLU C 29 -0.05 -28.29 31.89
C GLU C 29 -0.85 -27.10 31.38
N ARG C 30 -0.39 -25.87 31.64
CA ARG C 30 -1.00 -24.67 31.05
C ARG C 30 -1.14 -24.81 29.55
N SER C 31 -0.08 -25.23 28.87
CA SER C 31 -0.15 -25.41 27.42
C SER C 31 -1.11 -26.54 27.05
N SER C 32 -0.93 -27.71 27.67
CA SER C 32 -1.83 -28.84 27.43
C SER C 32 -3.28 -28.39 27.58
N ARG C 33 -3.59 -27.69 28.67
CA ARG C 33 -4.93 -27.16 28.89
C ARG C 33 -5.39 -26.29 27.72
N PHE C 34 -4.56 -25.30 27.34
CA PHE C 34 -4.93 -24.34 26.30
C PHE C 34 -5.23 -25.04 24.97
N LEU C 35 -4.37 -25.98 24.55
CA LEU C 35 -4.58 -26.65 23.25
C LEU C 35 -5.84 -27.52 23.25
N SER C 36 -6.28 -27.98 24.43
CA SER C 36 -7.37 -28.95 24.53
C SER C 36 -8.69 -28.37 24.02
N GLY C 37 -8.87 -27.05 24.07
CA GLY C 37 -10.06 -26.40 23.56
C GLY C 37 -9.95 -25.79 22.17
N LEU C 38 -8.95 -26.16 21.38
CA LEU C 38 -8.79 -25.60 20.05
C LEU C 38 -9.18 -26.60 18.96
N GLU C 39 -9.55 -26.06 17.82
CA GLU C 39 -9.87 -26.85 16.62
C GLU C 39 -8.60 -27.21 15.83
N LEU C 40 -8.48 -28.48 15.48
CA LEU C 40 -7.36 -28.92 14.66
C LEU C 40 -7.52 -28.46 13.23
N VAL C 41 -6.52 -27.77 12.68
CA VAL C 41 -6.56 -27.33 11.29
C VAL C 41 -5.60 -28.08 10.39
N LYS C 42 -4.57 -28.72 10.93
CA LYS C 42 -3.71 -29.51 10.06
C LYS C 42 -2.97 -30.55 10.91
N GLN C 43 -2.70 -31.69 10.28
CA GLN C 43 -1.99 -32.80 10.92
C GLN C 43 -0.93 -33.32 9.96
N GLY C 44 0.32 -33.30 10.41
CA GLY C 44 1.42 -33.91 9.73
C GLY C 44 1.79 -35.24 10.37
N ALA C 45 2.99 -35.71 10.05
CA ALA C 45 3.47 -36.95 10.68
C ALA C 45 3.73 -36.74 12.17
N GLU C 46 4.50 -35.72 12.51
CA GLU C 46 4.80 -35.37 13.90
C GLU C 46 3.93 -34.25 14.47
N ALA C 47 3.54 -33.27 13.66
CA ALA C 47 2.98 -32.06 14.25
C ALA C 47 1.47 -31.98 14.06
N ARG C 48 0.85 -31.23 14.95
CA ARG C 48 -0.56 -30.89 14.87
C ARG C 48 -0.61 -29.37 14.84
N VAL C 49 -1.52 -28.82 14.06
CA VAL C 49 -1.70 -27.37 14.01
C VAL C 49 -3.13 -27.08 14.43
N PHE C 50 -3.27 -26.20 15.43
CA PHE C 50 -4.56 -25.79 15.93
C PHE C 50 -4.82 -24.33 15.57
N ARG C 51 -6.09 -23.99 15.52
CA ARG C 51 -6.54 -22.63 15.29
C ARG C 51 -7.08 -22.05 16.59
N GLY C 52 -6.75 -20.81 16.86
CA GLY C 52 -7.39 -20.08 17.95
C GLY C 52 -7.11 -18.60 17.80
N ARG C 53 -7.12 -17.90 18.94
CA ARG C 53 -6.87 -16.46 18.99
C ARG C 53 -5.75 -16.19 19.99
N PHE C 54 -4.91 -15.23 19.67
CA PHE C 54 -3.81 -14.81 20.54
C PHE C 54 -3.88 -13.31 20.67
N GLN C 55 -4.23 -12.85 21.88
CA GLN C 55 -4.36 -11.43 22.23
C GLN C 55 -5.06 -10.63 21.14
N GLY C 56 -6.22 -11.15 20.72
CA GLY C 56 -7.06 -10.49 19.76
C GLY C 56 -6.74 -10.76 18.29
N ARG C 57 -5.73 -11.55 18.00
CA ARG C 57 -5.36 -11.84 16.62
C ARG C 57 -5.67 -13.30 16.30
N ALA C 58 -6.11 -13.54 15.06
CA ALA C 58 -6.36 -14.91 14.65
C ALA C 58 -5.03 -15.62 14.59
N ALA C 59 -4.95 -16.78 15.23
CA ALA C 59 -3.64 -17.46 15.34
C ALA C 59 -3.76 -18.94 15.07
N VAL C 60 -2.61 -19.55 14.77
CA VAL C 60 -2.48 -21.01 14.83
C VAL C 60 -1.33 -21.41 15.75
N ILE C 61 -1.49 -22.58 16.37
CA ILE C 61 -0.52 -23.12 17.32
C ILE C 61 -0.10 -24.50 16.84
N LYS C 62 1.20 -24.66 16.63
CA LYS C 62 1.80 -25.91 16.16
C LYS C 62 2.55 -26.56 17.31
N HIS C 63 2.30 -27.84 17.51
CA HIS C 63 2.88 -28.59 18.62
C HIS C 63 3.01 -30.04 18.22
N ARG C 64 4.05 -30.71 18.71
CA ARG C 64 4.26 -32.13 18.44
C ARG C 64 3.98 -32.92 19.71
N PHE C 65 2.98 -33.79 19.67
CA PHE C 65 2.68 -34.63 20.83
C PHE C 65 3.60 -35.85 20.81
N PRO C 66 4.24 -36.19 21.93
CA PRO C 66 5.18 -37.32 21.90
C PRO C 66 4.50 -38.64 21.56
N LYS C 67 5.20 -39.46 20.78
CA LYS C 67 4.73 -40.81 20.49
C LYS C 67 5.05 -41.71 21.68
N GLY C 68 4.07 -42.53 22.06
CA GLY C 68 4.24 -43.37 23.24
C GLY C 68 5.31 -44.43 23.12
N TYR C 69 5.68 -44.82 21.90
CA TYR C 69 6.63 -45.91 21.74
C TYR C 69 8.07 -45.41 21.63
N ARG C 70 8.30 -44.13 21.86
CA ARG C 70 9.61 -43.49 21.77
C ARG C 70 10.12 -43.05 23.15
N HIS C 71 11.42 -42.78 23.22
CA HIS C 71 12.07 -42.16 24.39
C HIS C 71 11.57 -40.74 24.61
N PRO C 72 10.83 -40.46 25.71
CA PRO C 72 10.43 -39.07 26.02
C PRO C 72 11.56 -38.05 25.85
N ALA C 73 12.78 -38.43 26.21
CA ALA C 73 13.88 -37.48 26.13
C ALA C 73 14.23 -37.16 24.68
N LEU C 74 14.17 -38.16 23.82
CA LEU C 74 14.43 -37.88 22.42
C LEU C 74 13.26 -37.13 21.78
N GLU C 75 12.03 -37.35 22.28
CA GLU C 75 10.89 -36.58 21.77
C GLU C 75 11.01 -35.09 22.07
N ALA C 76 11.41 -34.75 23.30
CA ALA C 76 11.59 -33.35 23.66
C ALA C 76 12.69 -32.71 22.81
N ARG C 77 13.77 -33.45 22.57
CA ARG C 77 14.84 -32.98 21.71
C ARG C 77 14.31 -32.71 20.30
N LEU C 78 13.56 -33.67 19.75
CA LEU C 78 12.97 -33.51 18.42
C LEU C 78 12.07 -32.28 18.37
N GLY C 79 11.16 -32.15 19.36
CA GLY C 79 10.26 -31.01 19.35
C GLY C 79 10.99 -29.68 19.44
N ARG C 80 12.04 -29.63 20.27
CA ARG C 80 12.81 -28.41 20.42
C ARG C 80 13.52 -28.06 19.13
N ARG C 81 14.21 -29.03 18.54
CA ARG C 81 14.99 -28.76 17.32
C ARG C 81 14.09 -28.20 16.22
N ARG C 82 12.94 -28.84 15.99
CA ARG C 82 12.12 -28.40 14.87
C ARG C 82 11.42 -27.08 15.18
N THR C 83 11.02 -26.86 16.43
CA THR C 83 10.43 -25.58 16.81
C THR C 83 11.43 -24.44 16.61
N VAL C 84 12.66 -24.60 17.13
CA VAL C 84 13.70 -23.59 16.95
C VAL C 84 13.94 -23.34 15.47
N GLN C 85 14.04 -24.42 14.66
CA GLN C 85 14.34 -24.20 13.24
C GLN C 85 13.20 -23.48 12.53
N GLU C 86 11.95 -23.85 12.83
CA GLU C 86 10.83 -23.16 12.18
C GLU C 86 10.81 -21.67 12.56
N ALA C 87 10.96 -21.36 13.85
CA ALA C 87 11.00 -19.94 14.26
C ALA C 87 12.09 -19.17 13.53
N ARG C 88 13.30 -19.76 13.44
CA ARG C 88 14.40 -19.10 12.75
C ARG C 88 14.10 -18.94 11.26
N ALA C 89 13.49 -19.97 10.65
CA ALA C 89 13.21 -19.87 9.22
C ALA C 89 12.19 -18.78 8.95
N LEU C 90 11.16 -18.66 9.80
CA LEU C 90 10.12 -17.67 9.58
C LEU C 90 10.63 -16.23 9.76
N LEU C 91 11.54 -15.99 10.72
CA LEU C 91 12.25 -14.71 10.78
C LEU C 91 13.04 -14.44 9.50
N ARG C 92 13.84 -15.41 9.06
CA ARG C 92 14.63 -15.20 7.85
C ARG C 92 13.72 -14.85 6.67
N CYS C 93 12.60 -15.55 6.53
CA CYS C 93 11.61 -15.25 5.48
C CYS C 93 11.13 -13.80 5.53
N ARG C 94 10.65 -13.35 6.71
CA ARG C 94 10.11 -11.97 6.80
C ARG C 94 11.17 -10.91 6.50
N ARG C 95 12.38 -11.07 7.02
CA ARG C 95 13.37 -10.05 6.69
C ARG C 95 13.73 -10.08 5.22
N ALA C 96 13.56 -11.23 4.54
CA ALA C 96 13.95 -11.34 3.16
C ALA C 96 12.82 -11.00 2.19
N GLY C 97 11.61 -10.73 2.67
CA GLY C 97 10.50 -10.52 1.79
C GLY C 97 9.90 -11.78 1.23
N ILE C 98 10.01 -12.90 1.95
CA ILE C 98 9.39 -14.16 1.55
C ILE C 98 8.14 -14.32 2.40
N SER C 99 6.99 -14.23 1.76
CA SER C 99 5.72 -14.29 2.49
C SER C 99 5.56 -15.63 3.22
N ALA C 100 5.40 -15.56 4.55
CA ALA C 100 5.20 -16.68 5.44
C ALA C 100 4.52 -16.15 6.70
N PRO C 101 4.03 -17.02 7.58
CA PRO C 101 3.31 -16.54 8.77
C PRO C 101 4.24 -15.77 9.67
N VAL C 102 3.74 -14.67 10.24
CA VAL C 102 4.42 -13.99 11.34
C VAL C 102 4.47 -14.92 12.57
N VAL C 103 5.59 -14.95 13.28
CA VAL C 103 5.63 -15.65 14.57
C VAL C 103 5.16 -14.69 15.68
N PHE C 104 4.17 -15.10 16.50
CA PHE C 104 3.74 -14.27 17.62
C PHE C 104 4.47 -14.59 18.91
N PHE C 105 4.70 -15.88 19.19
CA PHE C 105 5.23 -16.34 20.47
C PHE C 105 5.73 -17.78 20.29
N VAL C 106 6.88 -18.08 20.89
CA VAL C 106 7.39 -19.44 20.89
C VAL C 106 7.56 -19.87 22.35
N ASP C 107 6.89 -20.95 22.73
CA ASP C 107 6.94 -21.47 24.09
C ASP C 107 7.90 -22.64 24.08
N TYR C 108 9.14 -22.43 24.55
CA TYR C 108 10.12 -23.54 24.57
C TYR C 108 9.96 -24.46 25.76
N ALA C 109 9.10 -24.13 26.73
CA ALA C 109 8.83 -25.07 27.80
C ALA C 109 8.06 -26.26 27.30
N SER C 110 7.15 -26.03 26.34
CA SER C 110 6.36 -27.11 25.79
C SER C 110 6.54 -27.27 24.28
N ASN C 111 7.43 -26.47 23.66
CA ASN C 111 7.73 -26.49 22.22
C ASN C 111 6.48 -26.32 21.34
N CYS C 112 5.74 -25.25 21.61
CA CYS C 112 4.60 -24.78 20.83
C CYS C 112 4.91 -23.46 20.17
N LEU C 113 4.56 -23.38 18.89
CA LEU C 113 4.85 -22.23 18.05
C LEU C 113 3.52 -21.55 17.72
N TYR C 114 3.37 -20.28 18.11
CA TYR C 114 2.19 -19.47 17.89
C TYR C 114 2.48 -18.52 16.74
N MET C 115 1.65 -18.57 15.69
CA MET C 115 1.85 -17.85 14.44
C MET C 115 0.55 -17.21 13.97
N GLU C 116 0.68 -16.26 13.05
CA GLU C 116 -0.50 -15.69 12.42
C GLU C 116 -1.26 -16.77 11.65
N GLU C 117 -2.59 -16.72 11.73
CA GLU C 117 -3.40 -17.54 10.84
C GLU C 117 -3.45 -16.88 9.46
N ILE C 118 -3.23 -17.66 8.40
CA ILE C 118 -3.46 -17.14 7.04
C ILE C 118 -4.95 -17.33 6.75
N GLU C 119 -5.75 -16.33 7.12
CA GLU C 119 -7.19 -16.52 7.18
C GLU C 119 -7.79 -16.60 5.78
N GLY C 120 -8.67 -17.57 5.57
CA GLY C 120 -9.38 -17.66 4.31
C GLY C 120 -8.52 -18.13 3.18
N SER C 121 -7.37 -18.75 3.48
CA SER C 121 -6.49 -19.25 2.45
C SER C 121 -6.86 -20.68 2.04
N VAL C 122 -6.36 -21.08 0.88
CA VAL C 122 -6.49 -22.47 0.43
C VAL C 122 -5.11 -22.97 0.06
N THR C 123 -4.88 -24.27 0.22
CA THR C 123 -3.60 -24.81 -0.21
C THR C 123 -3.51 -24.81 -1.74
N VAL C 124 -2.27 -24.72 -2.25
CA VAL C 124 -2.03 -24.82 -3.69
C VAL C 124 -2.54 -26.18 -4.20
N ARG C 125 -2.44 -27.20 -3.35
CA ARG C 125 -2.95 -28.52 -3.71
C ARG C 125 -4.44 -28.48 -4.05
N ASP C 126 -5.27 -27.91 -3.16
CA ASP C 126 -6.69 -27.84 -3.43
C ASP C 126 -6.99 -26.89 -4.57
N TYR C 127 -6.25 -25.78 -4.67
CA TYR C 127 -6.46 -24.88 -5.79
C TYR C 127 -6.17 -25.57 -7.14
N ILE C 128 -5.01 -26.23 -7.26
CA ILE C 128 -4.75 -26.98 -8.49
C ILE C 128 -5.85 -28.02 -8.74
N GLN C 129 -6.28 -28.74 -7.68
CA GLN C 129 -7.22 -29.84 -7.89
C GLN C 129 -8.59 -29.33 -8.32
N SER C 130 -9.02 -28.19 -7.79
CA SER C 130 -10.30 -27.62 -8.22
C SER C 130 -10.20 -27.05 -9.62
N THR C 131 -9.13 -26.29 -9.90
CA THR C 131 -8.93 -25.71 -11.23
C THR C 131 -9.02 -26.79 -12.30
N MET C 132 -8.30 -27.90 -12.11
CA MET C 132 -8.26 -28.96 -13.11
C MET C 132 -9.53 -29.82 -13.14
N GLU C 133 -10.27 -29.90 -12.03
CA GLU C 133 -11.60 -30.50 -12.13
C GLU C 133 -12.50 -29.65 -13.01
N THR C 134 -12.37 -28.34 -12.94
CA THR C 134 -13.18 -27.42 -13.72
C THR C 134 -12.56 -27.06 -15.07
N GLU C 135 -11.35 -27.53 -15.37
CA GLU C 135 -10.70 -27.16 -16.63
C GLU C 135 -9.63 -28.18 -17.05
N PRO C 138 -5.59 -27.00 -17.36
CA PRO C 138 -4.12 -27.14 -17.44
C PRO C 138 -3.36 -25.81 -17.72
N GLN C 139 -3.83 -25.05 -18.72
CA GLN C 139 -3.13 -23.85 -19.19
C GLN C 139 -3.24 -22.68 -18.20
N GLY C 140 -4.41 -22.49 -17.58
CA GLY C 140 -4.60 -21.36 -16.68
C GLY C 140 -3.71 -21.37 -15.44
N LEU C 141 -2.95 -22.43 -15.21
CA LEU C 141 -2.12 -22.57 -14.00
C LEU C 141 -0.69 -22.07 -14.19
N SER C 142 -0.39 -21.46 -15.34
CA SER C 142 0.99 -21.05 -15.60
C SER C 142 1.39 -19.81 -14.79
N ASN C 143 0.45 -18.89 -14.54
CA ASN C 143 0.82 -17.78 -13.66
C ASN C 143 1.15 -18.30 -12.27
N LEU C 144 0.35 -19.26 -11.78
CA LEU C 144 0.62 -19.87 -10.48
C LEU C 144 2.00 -20.51 -10.45
N ALA C 145 2.32 -21.33 -11.47
CA ALA C 145 3.63 -21.99 -11.53
C ALA C 145 4.75 -20.96 -11.54
N LYS C 146 4.59 -19.89 -12.34
CA LYS C 146 5.62 -18.87 -12.42
C LYS C 146 5.81 -18.17 -11.07
N THR C 147 4.71 -17.88 -10.37
CA THR C 147 4.83 -17.28 -9.04
C THR C 147 5.56 -18.21 -8.09
N ILE C 148 5.23 -19.50 -8.12
CA ILE C 148 5.91 -20.43 -7.22
C ILE C 148 7.41 -20.48 -7.53
N GLY C 149 7.77 -20.45 -8.82
CA GLY C 149 9.20 -20.40 -9.17
C GLY C 149 9.93 -19.20 -8.58
N GLN C 150 9.33 -18.00 -8.67
CA GLN C 150 9.95 -16.79 -8.12
C GLN C 150 10.13 -16.86 -6.61
N VAL C 151 9.11 -17.38 -5.92
CA VAL C 151 9.13 -17.43 -4.46
C VAL C 151 10.17 -18.44 -3.98
N LEU C 152 10.23 -19.62 -4.60
CA LEU C 152 11.22 -20.60 -4.15
C LEU C 152 12.64 -20.21 -4.57
N ALA C 153 12.80 -19.53 -5.72
CA ALA C 153 14.10 -18.96 -6.09
C ALA C 153 14.55 -17.93 -5.04
N ARG C 154 13.65 -17.07 -4.61
CA ARG C 154 14.03 -16.10 -3.60
C ARG C 154 14.45 -16.79 -2.29
N MET C 155 13.74 -17.84 -1.92
CA MET C 155 14.04 -18.59 -0.69
C MET C 155 15.41 -19.26 -0.75
N HIS C 156 15.68 -19.98 -1.83
CA HIS C 156 16.98 -20.62 -2.00
C HIS C 156 18.10 -19.61 -2.15
N ASP C 157 17.81 -18.46 -2.77
CA ASP C 157 18.85 -17.42 -2.86
C ASP C 157 19.16 -16.80 -1.49
N GLU C 158 18.28 -16.98 -0.51
CA GLU C 158 18.64 -16.70 0.87
C GLU C 158 19.28 -17.91 1.54
N ASP C 159 19.61 -18.97 0.79
CA ASP C 159 20.18 -20.20 1.35
C ASP C 159 19.25 -20.88 2.37
N LEU C 160 17.95 -20.68 2.25
CA LEU C 160 17.00 -21.37 3.12
C LEU C 160 16.46 -22.59 2.38
N ILE C 161 16.70 -23.77 2.96
CA ILE C 161 16.17 -25.03 2.47
C ILE C 161 14.88 -25.29 3.21
N HIS C 162 13.79 -25.47 2.49
CA HIS C 162 12.51 -25.57 3.18
C HIS C 162 12.37 -26.92 3.88
N GLY C 163 12.75 -27.99 3.18
CA GLY C 163 12.80 -29.31 3.78
C GLY C 163 11.58 -30.20 3.58
N ASP C 164 10.44 -29.65 3.16
CA ASP C 164 9.20 -30.42 3.02
C ASP C 164 8.32 -29.73 1.98
N LEU C 165 8.88 -29.45 0.81
CA LEU C 165 8.12 -28.67 -0.17
C LEU C 165 7.06 -29.55 -0.82
N THR C 166 5.78 -29.29 -0.52
CA THR C 166 4.71 -29.92 -1.27
C THR C 166 3.72 -28.80 -1.57
N THR C 167 2.76 -29.08 -2.45
CA THR C 167 1.70 -28.10 -2.66
C THR C 167 0.73 -28.03 -1.49
N SER C 168 0.87 -28.92 -0.49
CA SER C 168 0.07 -28.75 0.72
C SER C 168 0.70 -27.74 1.69
N ASN C 169 1.97 -27.42 1.49
CA ASN C 169 2.68 -26.46 2.34
C ASN C 169 2.83 -25.10 1.67
N MET C 170 1.94 -24.77 0.75
CA MET C 170 1.88 -23.46 0.15
C MET C 170 0.43 -23.03 0.22
N LEU C 171 0.18 -21.83 0.75
CA LEU C 171 -1.16 -21.28 0.80
C LEU C 171 -1.31 -20.14 -0.20
N LEU C 172 -2.55 -19.97 -0.67
CA LEU C 172 -2.94 -18.86 -1.51
C LEU C 172 -3.83 -17.97 -0.66
N LYS C 173 -3.33 -16.77 -0.35
CA LYS C 173 -4.03 -15.83 0.52
C LYS C 173 -5.10 -15.09 -0.27
N PRO C 174 -6.28 -14.84 0.31
CA PRO C 174 -7.31 -14.05 -0.39
C PRO C 174 -6.76 -12.68 -0.76
N PRO C 175 -7.12 -12.12 -1.94
CA PRO C 175 -8.03 -12.68 -2.96
C PRO C 175 -7.33 -13.74 -3.82
N LEU C 176 -7.97 -14.88 -4.04
CA LEU C 176 -7.25 -16.04 -4.55
C LEU C 176 -6.67 -15.79 -5.94
N GLU C 177 -7.43 -15.12 -6.82
CA GLU C 177 -7.00 -14.97 -8.20
C GLU C 177 -5.69 -14.19 -8.35
N GLN C 178 -5.25 -13.47 -7.30
CA GLN C 178 -4.04 -12.68 -7.39
C GLN C 178 -2.79 -13.45 -6.99
N LEU C 179 -2.92 -14.74 -6.70
CA LEU C 179 -1.79 -15.64 -6.47
C LEU C 179 -0.79 -15.06 -5.46
N ASN C 180 -1.29 -14.79 -4.25
CA ASN C 180 -0.47 -14.45 -3.09
C ASN C 180 -0.08 -15.75 -2.41
N ILE C 181 1.09 -16.27 -2.76
CA ILE C 181 1.57 -17.50 -2.18
C ILE C 181 2.18 -17.21 -0.81
N VAL C 182 1.78 -17.97 0.21
CA VAL C 182 2.38 -17.93 1.54
C VAL C 182 3.00 -19.30 1.83
N LEU C 183 4.29 -19.34 2.13
CA LEU C 183 4.93 -20.62 2.48
C LEU C 183 4.71 -20.96 3.95
N ILE C 184 4.46 -22.24 4.25
CA ILE C 184 4.24 -22.68 5.62
C ILE C 184 5.06 -23.95 5.91
N ASP C 185 5.14 -24.31 7.21
CA ASP C 185 5.74 -25.56 7.73
C ASP C 185 7.22 -25.69 7.46
N PHE C 186 8.02 -24.97 8.22
CA PHE C 186 9.48 -24.99 8.07
C PHE C 186 10.14 -25.81 9.17
N GLY C 187 9.42 -26.77 9.75
CA GLY C 187 9.99 -27.54 10.86
C GLY C 187 11.20 -28.38 10.46
N LEU C 188 11.32 -28.74 9.18
CA LEU C 188 12.48 -29.48 8.65
C LEU C 188 13.45 -28.58 7.89
N SER C 189 13.30 -27.26 7.98
CA SER C 189 14.19 -26.40 7.20
C SER C 189 15.57 -26.32 7.84
N PHE C 190 16.52 -25.84 7.04
CA PHE C 190 17.87 -25.55 7.54
C PHE C 190 18.52 -24.62 6.53
N ILE C 191 19.70 -24.11 6.89
CA ILE C 191 20.42 -23.13 6.08
C ILE C 191 21.52 -23.84 5.29
N SER C 192 21.52 -23.66 3.98
CA SER C 192 22.61 -24.26 3.20
C SER C 192 22.77 -23.53 1.87
N ALA C 193 24.02 -23.26 1.50
CA ALA C 193 24.33 -22.77 0.16
C ALA C 193 24.65 -23.88 -0.84
N LEU C 194 24.57 -25.14 -0.44
CA LEU C 194 24.99 -26.23 -1.34
C LEU C 194 23.93 -26.50 -2.41
N PRO C 195 24.30 -26.47 -3.69
CA PRO C 195 23.34 -26.87 -4.75
C PRO C 195 22.72 -28.26 -4.53
N GLU C 196 23.46 -29.17 -3.91
CA GLU C 196 22.94 -30.49 -3.58
C GLU C 196 21.69 -30.38 -2.70
N ASP C 197 21.76 -29.56 -1.65
CA ASP C 197 20.64 -29.42 -0.74
C ASP C 197 19.47 -28.75 -1.44
N LYS C 198 19.76 -27.77 -2.29
CA LYS C 198 18.67 -27.12 -3.00
C LYS C 198 18.03 -28.08 -3.99
N GLY C 199 18.86 -28.88 -4.66
CA GLY C 199 18.33 -29.81 -5.64
C GLY C 199 17.43 -30.87 -5.00
N VAL C 200 17.84 -31.39 -3.84
CA VAL C 200 17.01 -32.32 -3.08
C VAL C 200 15.72 -31.64 -2.63
N ASP C 201 15.79 -30.38 -2.22
CA ASP C 201 14.57 -29.63 -1.88
C ASP C 201 13.61 -29.63 -3.07
N LEU C 202 14.16 -29.46 -4.29
CA LEU C 202 13.31 -29.43 -5.47
C LEU C 202 12.82 -30.83 -5.81
N TYR C 203 13.63 -31.87 -5.56
CA TYR C 203 13.22 -33.23 -5.84
C TYR C 203 12.00 -33.64 -5.02
N VAL C 204 12.00 -33.32 -3.72
CA VAL C 204 10.84 -33.52 -2.87
C VAL C 204 9.61 -32.83 -3.45
N LEU C 205 9.77 -31.60 -3.94
CA LEU C 205 8.62 -30.92 -4.55
C LEU C 205 8.18 -31.65 -5.81
N GLU C 206 9.14 -32.06 -6.65
CA GLU C 206 8.80 -32.76 -7.87
C GLU C 206 8.04 -34.07 -7.60
N LYS C 207 8.53 -34.89 -6.66
CA LYS C 207 7.87 -36.15 -6.33
C LYS C 207 6.47 -35.91 -5.79
N ALA C 208 6.32 -34.90 -4.93
CA ALA C 208 5.02 -34.61 -4.35
C ALA C 208 4.07 -34.11 -5.42
N PHE C 209 4.60 -33.34 -6.35
CA PHE C 209 3.77 -32.85 -7.45
C PHE C 209 3.35 -33.98 -8.40
N LEU C 210 4.29 -34.83 -8.82
CA LEU C 210 3.96 -35.92 -9.77
C LEU C 210 2.99 -36.92 -9.14
N SER C 211 3.10 -37.12 -7.82
CA SER C 211 2.26 -38.07 -7.09
C SER C 211 0.87 -37.52 -6.87
N THR C 212 0.76 -36.24 -6.48
CA THR C 212 -0.51 -35.65 -6.07
C THR C 212 -1.28 -35.04 -7.23
N HIS C 213 -0.57 -34.61 -8.25
CA HIS C 213 -1.16 -33.89 -9.37
C HIS C 213 -0.72 -34.61 -10.64
N PRO C 214 -0.95 -35.93 -10.73
CA PRO C 214 -0.48 -36.69 -11.89
C PRO C 214 -0.98 -36.06 -13.18
N ASN C 215 -0.21 -36.29 -14.25
CA ASN C 215 -0.51 -35.79 -15.60
C ASN C 215 -0.77 -34.30 -15.63
N THR C 216 0.03 -33.52 -14.89
CA THR C 216 0.08 -32.06 -15.03
C THR C 216 1.53 -31.56 -15.15
N GLU C 217 2.31 -32.26 -15.97
CA GLU C 217 3.74 -31.99 -16.08
C GLU C 217 4.05 -30.58 -16.62
N THR C 218 3.16 -30.01 -17.44
CA THR C 218 3.45 -28.68 -17.97
C THR C 218 3.44 -27.63 -16.86
N VAL C 219 2.70 -27.86 -15.78
CA VAL C 219 2.75 -26.94 -14.66
C VAL C 219 4.14 -26.94 -14.03
N PHE C 220 4.66 -28.15 -13.74
CA PHE C 220 6.00 -28.25 -13.15
C PHE C 220 7.08 -27.70 -14.09
N GLU C 221 6.90 -27.90 -15.39
CA GLU C 221 7.84 -27.38 -16.33
C GLU C 221 7.91 -25.86 -16.25
N ALA C 222 6.75 -25.20 -16.18
CA ALA C 222 6.73 -23.74 -16.09
C ALA C 222 7.32 -23.27 -14.76
N PHE C 223 7.11 -24.04 -13.69
CA PHE C 223 7.75 -23.73 -12.41
C PHE C 223 9.27 -23.72 -12.54
N LEU C 224 9.84 -24.79 -13.13
CA LEU C 224 11.30 -24.87 -13.28
C LEU C 224 11.83 -23.75 -14.15
N LYS C 225 11.11 -23.40 -15.25
CA LYS C 225 11.54 -22.27 -16.08
C LYS C 225 11.57 -20.96 -15.30
N SER C 226 10.55 -20.72 -14.47
CA SER C 226 10.52 -19.49 -13.67
C SER C 226 11.63 -19.48 -12.62
N TYR C 227 11.77 -20.60 -11.90
CA TYR C 227 12.84 -20.77 -10.91
C TYR C 227 14.20 -20.49 -11.53
N SER C 228 14.44 -21.09 -12.69
CA SER C 228 15.69 -20.95 -13.40
C SER C 228 15.92 -19.51 -13.85
N THR C 229 14.87 -18.80 -14.25
CA THR C 229 15.03 -17.39 -14.62
C THR C 229 15.29 -16.53 -13.41
N SER C 230 14.63 -16.82 -12.30
CA SER C 230 14.66 -15.91 -11.16
C SER C 230 15.93 -16.06 -10.31
N SER C 231 16.53 -17.23 -10.28
CA SER C 231 17.66 -17.46 -9.37
C SER C 231 18.96 -17.49 -10.15
N LYS C 232 19.91 -16.63 -9.76
CA LYS C 232 21.22 -16.60 -10.41
C LYS C 232 22.02 -17.86 -10.20
N LYS C 233 21.68 -18.67 -9.21
CA LYS C 233 22.42 -19.88 -8.92
C LYS C 233 21.69 -21.16 -9.35
N ALA C 234 20.66 -21.05 -10.21
CA ALA C 234 19.79 -22.21 -10.50
C ALA C 234 20.48 -23.32 -11.29
N ARG C 235 21.51 -23.00 -12.09
CA ARG C 235 22.04 -23.99 -13.02
C ARG C 235 22.63 -25.20 -12.31
N PRO C 236 23.49 -25.05 -11.29
CA PRO C 236 23.99 -26.22 -10.57
C PRO C 236 22.92 -26.91 -9.71
N VAL C 237 21.88 -26.19 -9.27
CA VAL C 237 20.78 -26.82 -8.55
C VAL C 237 20.00 -27.76 -9.48
N LEU C 238 19.70 -27.31 -10.70
CA LEU C 238 18.96 -28.15 -11.62
C LEU C 238 19.79 -29.39 -12.03
N LYS C 239 21.12 -29.26 -12.17
CA LYS C 239 21.95 -30.44 -12.41
C LYS C 239 21.88 -31.41 -11.22
N LYS C 240 21.86 -30.87 -10.00
CA LYS C 240 21.79 -31.73 -8.82
C LYS C 240 20.42 -32.41 -8.70
N LEU C 241 19.35 -31.73 -9.13
CA LEU C 241 18.03 -32.35 -9.15
C LEU C 241 18.03 -33.57 -10.09
N ASP C 242 18.60 -33.44 -11.29
CA ASP C 242 18.67 -34.59 -12.18
C ASP C 242 19.46 -35.73 -11.55
N GLU C 243 20.56 -35.40 -10.89
CA GLU C 243 21.43 -36.42 -10.31
C GLU C 243 20.72 -37.13 -9.17
N VAL C 244 20.04 -36.40 -8.28
CA VAL C 244 19.41 -37.07 -7.14
C VAL C 244 18.20 -37.91 -7.59
N ARG C 245 17.46 -37.47 -8.60
CA ARG C 245 16.40 -38.32 -9.19
C ARG C 245 16.95 -39.68 -9.65
N LEU C 246 18.05 -39.66 -10.39
CA LEU C 246 18.68 -40.89 -10.87
C LEU C 246 19.15 -41.77 -9.72
N ARG C 247 19.92 -41.21 -8.78
CA ARG C 247 20.40 -41.98 -7.62
C ARG C 247 19.30 -42.82 -6.90
N PRO D 2 -12.27 9.13 32.01
CA PRO D 2 -13.34 8.57 31.17
C PRO D 2 -13.00 7.19 30.61
N HIS D 3 -12.47 6.30 31.46
CA HIS D 3 -12.04 4.97 31.02
C HIS D 3 -10.96 5.07 29.94
N MET D 4 -9.95 5.93 30.18
CA MET D 4 -8.85 6.06 29.23
C MET D 4 -7.86 4.92 29.31
N GLN D 5 -7.98 4.04 30.31
CA GLN D 5 -7.09 2.90 30.38
C GLN D 5 -7.43 1.88 29.30
N LEU D 6 -6.48 0.99 29.05
CA LEU D 6 -6.68 -0.12 28.11
C LEU D 6 -6.21 -1.37 28.83
N THR D 7 -7.14 -2.30 29.04
CA THR D 7 -6.88 -3.50 29.82
C THR D 7 -7.21 -4.73 29.00
N HIS D 8 -6.34 -5.74 29.06
CA HIS D 8 -6.54 -7.00 28.36
C HIS D 8 -6.10 -8.15 29.24
N GLN D 9 -6.93 -9.18 29.28
CA GLN D 9 -6.53 -10.48 29.81
C GLN D 9 -5.50 -11.15 28.90
N LEU D 10 -4.53 -11.83 29.51
CA LEU D 10 -3.60 -12.67 28.79
C LEU D 10 -4.25 -14.01 28.48
N ASP D 11 -4.27 -14.38 27.20
CA ASP D 11 -4.99 -15.57 26.77
C ASP D 11 -4.36 -16.86 27.33
N LEU D 12 -3.03 -16.91 27.46
CA LEU D 12 -2.36 -18.09 27.97
C LEU D 12 -2.25 -18.10 29.50
N PHE D 13 -2.44 -16.94 30.14
CA PHE D 13 -2.43 -16.82 31.59
C PHE D 13 -3.71 -16.08 31.98
N PRO D 14 -4.85 -16.75 31.89
CA PRO D 14 -6.14 -16.04 32.05
C PRO D 14 -6.28 -15.31 33.37
N GLU D 15 -5.56 -15.71 34.44
CA GLU D 15 -5.69 -15.00 35.69
C GLU D 15 -4.95 -13.66 35.68
N CYS D 16 -4.22 -13.34 34.61
CA CYS D 16 -3.42 -12.13 34.49
C CYS D 16 -4.08 -11.13 33.57
N ARG D 17 -3.96 -9.86 33.93
CA ARG D 17 -4.54 -8.75 33.18
C ARG D 17 -3.51 -7.63 33.06
N VAL D 18 -3.29 -7.19 31.82
CA VAL D 18 -2.32 -6.16 31.47
C VAL D 18 -3.10 -4.87 31.25
N THR D 19 -2.64 -3.81 31.92
CA THR D 19 -3.18 -2.46 31.78
C THR D 19 -2.14 -1.53 31.18
N LEU D 20 -2.61 -0.72 30.22
CA LEU D 20 -1.83 0.33 29.56
C LEU D 20 -2.40 1.69 29.93
N LEU D 21 -1.50 2.65 30.25
CA LEU D 21 -1.90 4.02 30.55
C LEU D 21 -1.00 4.98 29.80
N LEU D 22 -1.59 5.88 29.01
CA LEU D 22 -0.85 6.81 28.16
C LEU D 22 -1.01 8.23 28.67
N PHE D 23 0.11 8.95 28.82
CA PHE D 23 0.13 10.35 29.25
C PHE D 23 0.88 11.20 28.22
N LYS D 24 0.37 12.41 27.95
CA LYS D 24 1.01 13.40 27.11
C LYS D 24 1.41 14.61 27.93
N ASP D 25 2.32 15.40 27.37
CA ASP D 25 2.77 16.66 28.00
C ASP D 25 3.36 16.41 29.38
N VAL D 26 4.11 15.33 29.53
CA VAL D 26 4.65 14.97 30.84
C VAL D 26 5.84 15.85 31.17
N LYS D 27 5.92 16.30 32.42
CA LYS D 27 6.92 17.27 32.84
C LYS D 27 7.91 16.75 33.87
N ASN D 28 7.68 15.58 34.43
CA ASN D 28 8.53 15.06 35.50
C ASN D 28 9.07 13.67 35.14
N ALA D 29 9.48 13.48 33.89
CA ALA D 29 9.89 12.15 33.44
C ALA D 29 11.22 11.74 34.08
N GLY D 30 12.05 12.70 34.47
CA GLY D 30 13.26 12.34 35.17
C GLY D 30 12.96 11.69 36.51
N ASP D 31 12.06 12.30 37.27
CA ASP D 31 11.66 11.75 38.57
C ASP D 31 11.02 10.38 38.42
N LEU D 32 10.06 10.25 37.48
CA LEU D 32 9.44 8.95 37.22
C LEU D 32 10.48 7.87 36.95
N ARG D 33 11.45 8.19 36.08
CA ARG D 33 12.53 7.25 35.80
C ARG D 33 13.29 6.87 37.08
N ARG D 34 13.48 7.83 37.99
CA ARG D 34 14.18 7.57 39.24
C ARG D 34 13.33 6.76 40.20
N LYS D 35 12.03 7.07 40.30
CA LYS D 35 11.14 6.24 41.10
C LYS D 35 11.09 4.80 40.59
N ALA D 36 11.02 4.61 39.27
CA ALA D 36 10.99 3.26 38.73
C ALA D 36 12.21 2.47 39.15
N MET D 37 13.40 3.08 39.13
CA MET D 37 14.59 2.37 39.58
C MET D 37 14.52 2.08 41.08
N GLU D 38 14.09 3.04 41.89
CA GLU D 38 13.99 2.81 43.32
C GLU D 38 12.92 1.78 43.66
N GLY D 39 11.90 1.63 42.81
CA GLY D 39 10.77 0.76 43.09
C GLY D 39 9.61 1.44 43.76
N THR D 40 9.66 2.76 43.95
CA THR D 40 8.49 3.49 44.37
C THR D 40 7.46 3.56 43.24
N ILE D 41 7.86 3.27 42.01
CA ILE D 41 6.95 2.93 40.92
C ILE D 41 7.28 1.50 40.47
N ASP D 42 6.33 0.59 40.61
CA ASP D 42 6.53 -0.83 40.34
C ASP D 42 6.34 -1.21 38.86
N GLY D 43 5.50 -0.48 38.11
CA GLY D 43 5.21 -0.84 36.74
C GLY D 43 6.32 -0.47 35.75
N SER D 44 6.03 -0.75 34.47
CA SER D 44 6.95 -0.53 33.35
C SER D 44 6.69 0.85 32.75
N LEU D 45 7.72 1.68 32.71
CA LEU D 45 7.66 3.00 32.06
C LEU D 45 8.27 2.87 30.66
N ILE D 46 7.47 3.12 29.63
CA ILE D 46 7.82 2.76 28.26
C ILE D 46 7.72 3.99 27.36
N ASN D 47 8.62 4.07 26.38
CA ASN D 47 8.61 5.16 25.39
C ASN D 47 7.54 4.92 24.33
N PRO D 48 6.43 5.68 24.34
CA PRO D 48 5.36 5.44 23.36
C PRO D 48 5.69 5.89 21.94
N THR D 49 6.80 6.58 21.71
CA THR D 49 7.18 6.96 20.35
C THR D 49 7.40 5.77 19.43
N VAL D 50 7.86 4.63 19.96
CA VAL D 50 8.18 3.46 19.16
C VAL D 50 7.15 2.33 19.35
N ILE D 51 6.02 2.61 19.98
CA ILE D 51 4.93 1.64 20.07
C ILE D 51 3.90 1.96 18.99
N VAL D 52 3.67 1.01 18.08
CA VAL D 52 2.72 1.24 16.99
C VAL D 52 1.34 0.64 17.22
N ASP D 53 1.17 -0.21 18.24
CA ASP D 53 -0.11 -0.86 18.49
C ASP D 53 -0.05 -1.54 19.85
N PRO D 54 -1.15 -1.61 20.59
CA PRO D 54 -1.12 -2.33 21.88
C PRO D 54 -0.79 -3.80 21.74
N PHE D 55 -1.01 -4.42 20.57
CA PHE D 55 -0.61 -5.82 20.39
C PHE D 55 0.88 -6.01 20.64
N GLN D 56 1.68 -5.01 20.25
CA GLN D 56 3.11 -4.99 20.52
C GLN D 56 3.44 -5.11 22.02
N ILE D 57 2.66 -4.43 22.88
CA ILE D 57 2.83 -4.52 24.33
C ILE D 57 2.36 -5.88 24.84
N LEU D 58 1.22 -6.37 24.33
CA LEU D 58 0.65 -7.63 24.79
C LEU D 58 1.55 -8.81 24.42
N VAL D 59 2.22 -8.73 23.29
CA VAL D 59 3.22 -9.74 22.94
C VAL D 59 4.36 -9.70 23.95
N ALA D 60 4.86 -8.48 24.23
CA ALA D 60 5.96 -8.35 25.18
C ALA D 60 5.53 -8.83 26.56
N ALA D 61 4.32 -8.46 27.00
CA ALA D 61 3.84 -8.85 28.32
C ALA D 61 3.59 -10.35 28.39
N ASN D 62 3.02 -10.94 27.33
CA ASN D 62 2.83 -12.39 27.36
C ASN D 62 4.15 -13.11 27.62
N LYS D 63 5.17 -12.77 26.83
CA LYS D 63 6.46 -13.44 26.94
C LYS D 63 7.10 -13.20 28.32
N ALA D 64 7.00 -11.99 28.83
CA ALA D 64 7.57 -11.68 30.15
C ALA D 64 6.92 -12.55 31.25
N VAL D 65 5.58 -12.62 31.24
CA VAL D 65 4.88 -13.41 32.23
C VAL D 65 5.30 -14.86 32.14
N HIS D 66 5.39 -15.39 30.91
CA HIS D 66 5.83 -16.76 30.66
C HIS D 66 7.17 -17.02 31.34
N LEU D 67 8.17 -16.16 31.07
CA LEU D 67 9.49 -16.37 31.65
C LEU D 67 9.50 -16.10 33.14
N TYR D 68 8.68 -15.16 33.60
CA TYR D 68 8.54 -14.94 35.03
C TYR D 68 8.11 -16.22 35.74
N LYS D 69 7.05 -16.87 35.23
CA LYS D 69 6.55 -18.06 35.89
C LYS D 69 7.49 -19.24 35.78
N LEU D 70 8.43 -19.21 34.81
CA LEU D 70 9.46 -20.24 34.67
C LEU D 70 10.74 -19.95 35.45
N GLY D 71 10.91 -18.76 36.01
CA GLY D 71 12.19 -18.41 36.62
C GLY D 71 13.31 -18.18 35.62
N LYS D 72 12.98 -17.78 34.39
CA LYS D 72 13.95 -17.68 33.30
C LYS D 72 13.95 -16.30 32.65
N MET D 73 13.55 -15.25 33.37
CA MET D 73 13.59 -13.92 32.77
C MET D 73 15.03 -13.48 32.46
N LYS D 74 15.20 -12.78 31.33
CA LYS D 74 16.52 -12.26 31.00
C LYS D 74 16.92 -11.09 31.89
N THR D 75 15.94 -10.29 32.36
CA THR D 75 16.22 -9.09 33.13
C THR D 75 15.80 -9.26 34.59
N ARG D 76 15.94 -8.15 35.31
CA ARG D 76 15.85 -8.13 36.77
C ARG D 76 14.42 -8.40 37.26
N THR D 77 13.43 -7.73 36.67
CA THR D 77 12.06 -7.80 37.15
C THR D 77 11.12 -7.98 35.98
N LEU D 78 9.89 -8.35 36.32
CA LEU D 78 8.86 -8.41 35.31
C LEU D 78 8.74 -7.07 34.57
N SER D 79 8.79 -5.96 35.30
CA SER D 79 8.66 -4.65 34.66
C SER D 79 9.82 -4.38 33.67
N THR D 80 11.06 -4.73 34.03
CA THR D 80 12.13 -4.55 33.04
C THR D 80 12.02 -5.57 31.90
N GLU D 81 11.49 -6.76 32.17
CA GLU D 81 11.38 -7.78 31.12
C GLU D 81 10.41 -7.35 30.01
N ILE D 82 9.31 -6.71 30.39
CA ILE D 82 8.35 -6.20 29.40
C ILE D 82 9.04 -5.25 28.43
N ILE D 83 9.85 -4.33 28.98
CA ILE D 83 10.54 -3.34 28.15
C ILE D 83 11.56 -4.02 27.27
N PHE D 84 12.39 -4.88 27.87
CA PHE D 84 13.41 -5.60 27.13
C PHE D 84 12.82 -6.38 25.95
N ASN D 85 11.65 -7.02 26.17
CA ASN D 85 11.04 -7.82 25.11
C ASN D 85 10.61 -6.96 23.92
N LEU D 86 10.42 -5.65 24.11
CA LEU D 86 10.09 -4.78 22.98
C LEU D 86 11.25 -4.65 21.98
N SER D 87 12.49 -4.81 22.45
CA SER D 87 13.65 -4.55 21.63
C SER D 87 13.91 -5.66 20.62
N PRO D 88 14.42 -5.32 19.44
CA PRO D 88 14.77 -6.36 18.45
C PRO D 88 16.08 -7.09 18.73
N ASN D 89 16.84 -6.67 19.75
CA ASN D 89 18.19 -7.14 20.09
C ASN D 89 18.19 -7.69 21.50
N ASN D 90 19.28 -8.41 21.82
CA ASN D 90 19.47 -8.98 23.14
C ASN D 90 20.39 -8.15 24.05
N ASN D 91 20.78 -6.94 23.65
CA ASN D 91 21.56 -6.09 24.55
C ASN D 91 20.60 -5.45 25.56
N ILE D 92 20.67 -5.86 26.83
CA ILE D 92 19.67 -5.43 27.80
C ILE D 92 19.81 -3.94 28.07
N SER D 93 21.04 -3.45 28.19
CA SER D 93 21.30 -2.03 28.43
C SER D 93 20.63 -1.16 27.38
N GLU D 94 20.95 -1.42 26.11
CA GLU D 94 20.42 -0.61 25.02
C GLU D 94 18.90 -0.66 24.97
N ALA D 95 18.32 -1.83 25.26
CA ALA D 95 16.86 -1.95 25.21
C ALA D 95 16.21 -1.12 26.30
N LEU D 96 16.76 -1.18 27.52
CA LEU D 96 16.21 -0.41 28.62
C LEU D 96 16.37 1.09 28.38
N LYS D 97 17.46 1.53 27.75
CA LYS D 97 17.60 2.94 27.46
C LYS D 97 16.69 3.39 26.32
N LYS D 98 16.58 2.59 25.24
CA LYS D 98 15.89 3.05 24.05
C LYS D 98 14.38 2.84 24.12
N PHE D 99 13.91 1.76 24.77
CA PHE D 99 12.47 1.51 24.84
C PHE D 99 11.88 1.92 26.19
N GLY D 100 12.71 2.26 27.18
CA GLY D 100 12.22 2.90 28.39
C GLY D 100 12.17 4.41 28.22
N ILE D 101 11.88 5.10 29.30
CA ILE D 101 11.72 6.54 29.23
C ILE D 101 13.01 7.20 29.68
N SER D 102 13.28 8.36 29.11
CA SER D 102 14.42 9.20 29.49
C SER D 102 13.91 10.51 30.08
N ALA D 103 14.82 11.19 30.80
CA ALA D 103 14.47 12.38 31.56
C ALA D 103 13.95 13.53 30.69
N ASN D 104 14.19 13.48 29.38
CA ASN D 104 13.75 14.55 28.49
C ASN D 104 12.46 14.23 27.73
N ASP D 105 11.80 13.11 28.04
CA ASP D 105 10.62 12.65 27.31
C ASP D 105 9.37 13.39 27.75
N THR D 106 8.44 13.62 26.82
CA THR D 106 7.20 14.34 27.13
C THR D 106 5.95 13.48 27.02
N SER D 107 6.08 12.25 26.57
CA SER D 107 4.98 11.31 26.49
C SER D 107 5.42 10.02 27.18
N ILE D 108 4.49 9.33 27.84
CA ILE D 108 4.86 8.14 28.61
C ILE D 108 3.74 7.11 28.55
N LEU D 109 4.13 5.84 28.46
CA LEU D 109 3.22 4.70 28.57
C LEU D 109 3.59 3.88 29.80
N ILE D 110 2.62 3.63 30.68
CA ILE D 110 2.83 2.79 31.85
C ILE D 110 2.09 1.48 31.64
N VAL D 111 2.78 0.37 31.86
CA VAL D 111 2.19 -0.94 31.72
C VAL D 111 2.42 -1.69 33.02
N TYR D 112 1.37 -2.32 33.52
CA TYR D 112 1.48 -3.16 34.71
C TYR D 112 0.54 -4.32 34.54
N ILE D 113 0.79 -5.36 35.35
CA ILE D 113 0.07 -6.63 35.27
C ILE D 113 -0.48 -6.98 36.64
N GLU D 114 -1.77 -7.29 36.69
CA GLU D 114 -2.39 -7.71 37.94
C GLU D 114 -2.68 -9.19 37.89
N GLU D 115 -2.58 -9.85 39.05
CA GLU D 115 -2.84 -11.29 39.16
C GLU D 115 -3.21 -11.61 40.60
N GLY D 116 -4.21 -12.47 40.77
CA GLY D 116 -4.62 -12.87 42.10
C GLY D 116 -4.99 -11.66 42.95
N GLU D 117 -4.44 -11.60 44.16
CA GLU D 117 -4.69 -10.50 45.09
C GLU D 117 -3.85 -9.27 44.81
N LYS D 118 -2.91 -9.33 43.88
CA LYS D 118 -2.07 -8.19 43.54
C LYS D 118 -2.85 -7.23 42.64
N GLN D 119 -3.24 -6.08 43.19
CA GLN D 119 -3.97 -5.07 42.46
C GLN D 119 -3.22 -3.74 42.53
N ILE D 120 -3.16 -3.03 41.42
CA ILE D 120 -2.45 -1.77 41.35
C ILE D 120 -3.38 -0.65 41.79
N ASN D 121 -2.84 0.31 42.53
CA ASN D 121 -3.61 1.49 42.93
C ASN D 121 -3.46 2.50 41.81
N GLN D 122 -4.43 2.50 40.89
CA GLN D 122 -4.32 3.33 39.70
C GLN D 122 -4.20 4.81 40.06
N GLU D 123 -5.02 5.29 41.01
CA GLU D 123 -5.02 6.72 41.31
C GLU D 123 -3.67 7.16 41.84
N TYR D 124 -3.13 6.40 42.79
CA TYR D 124 -1.76 6.66 43.25
C TYR D 124 -0.80 6.79 42.08
N LEU D 125 -0.75 5.76 41.22
CA LEU D 125 0.10 5.82 40.04
C LEU D 125 -0.08 7.13 39.29
N ILE D 126 -1.32 7.40 38.85
CA ILE D 126 -1.62 8.58 38.06
C ILE D 126 -1.22 9.84 38.80
N SER D 127 -1.29 9.83 40.13
CA SER D 127 -0.95 11.04 40.87
C SER D 127 0.54 11.40 40.73
N GLN D 128 1.40 10.47 40.33
CA GLN D 128 2.83 10.78 40.28
C GLN D 128 3.30 11.32 38.94
N VAL D 129 2.49 11.22 37.89
CA VAL D 129 2.85 11.77 36.58
C VAL D 129 2.41 13.23 36.54
N GLU D 130 3.34 14.13 36.24
CA GLU D 130 2.99 15.53 36.00
C GLU D 130 2.77 15.66 34.50
N GLY D 131 1.54 15.38 34.08
CA GLY D 131 1.24 15.27 32.66
C GLY D 131 -0.24 14.99 32.47
N HIS D 132 -0.63 14.85 31.21
CA HIS D 132 -2.04 14.74 30.84
C HIS D 132 -2.31 13.34 30.33
N GLN D 133 -3.07 12.56 31.11
CA GLN D 133 -3.46 11.23 30.65
C GLN D 133 -4.39 11.35 29.44
N VAL D 134 -4.14 10.51 28.43
CA VAL D 134 -4.98 10.44 27.23
C VAL D 134 -5.35 8.98 26.95
N SER D 135 -6.35 8.81 26.10
CA SER D 135 -6.81 7.47 25.77
C SER D 135 -5.83 6.80 24.80
N LEU D 136 -5.69 5.48 24.94
CA LEU D 136 -4.77 4.77 24.05
C LEU D 136 -5.14 4.94 22.57
N LYS D 137 -6.38 5.30 22.26
CA LYS D 137 -6.74 5.60 20.87
C LYS D 137 -5.92 6.76 20.31
N ASN D 138 -5.23 7.53 21.17
CA ASN D 138 -4.42 8.66 20.76
C ASN D 138 -2.98 8.28 20.46
N LEU D 139 -2.66 6.99 20.47
CA LEU D 139 -1.27 6.56 20.25
C LEU D 139 -0.72 6.95 18.88
N PRO D 140 -1.48 6.88 17.79
CA PRO D 140 -0.97 7.36 16.50
C PRO D 140 -0.43 8.80 16.53
N GLU D 141 -1.05 9.72 17.26
CA GLU D 141 -0.50 11.06 17.32
C GLU D 141 0.87 11.09 17.99
N ILE D 142 1.18 10.09 18.80
CA ILE D 142 2.40 10.06 19.60
C ILE D 142 3.46 9.15 18.96
N MET D 143 3.05 7.98 18.48
CA MET D 143 4.01 7.12 17.81
C MET D 143 4.58 7.85 16.59
N ASN D 144 5.86 7.65 16.32
CA ASN D 144 6.54 8.28 15.20
C ASN D 144 7.07 7.20 14.28
N ILE D 145 6.43 7.02 13.13
CA ILE D 145 6.79 5.88 12.27
C ILE D 145 8.26 5.91 11.92
N THR D 146 8.82 7.12 11.77
CA THR D 146 10.22 7.27 11.36
C THR D 146 11.18 6.72 12.41
N GLU D 147 10.88 6.98 13.70
CA GLU D 147 11.66 6.37 14.78
C GLU D 147 11.35 4.87 14.90
N VAL D 148 10.10 4.46 14.67
CA VAL D 148 9.80 3.02 14.63
C VAL D 148 10.71 2.31 13.64
N LYS D 149 10.81 2.84 12.42
CA LYS D 149 11.58 2.17 11.37
C LYS D 149 13.06 2.17 11.69
N LYS D 150 13.57 3.28 12.25
CA LYS D 150 14.99 3.38 12.60
C LYS D 150 15.36 2.39 13.70
N ILE D 151 14.58 2.35 14.78
CA ILE D 151 14.97 1.55 15.94
C ILE D 151 14.83 0.06 15.63
N TYR D 152 13.92 -0.32 14.75
CA TYR D 152 13.69 -1.72 14.43
C TYR D 152 14.39 -2.14 13.14
N LYS D 153 15.07 -1.20 12.48
CA LYS D 153 15.78 -1.45 11.22
C LYS D 153 14.88 -2.16 10.22
N LEU D 154 13.67 -1.60 10.04
CA LEU D 154 12.68 -2.21 9.17
C LEU D 154 12.98 -1.85 7.72
N SER D 155 13.02 -2.85 6.86
CA SER D 155 13.40 -2.70 5.47
C SER D 155 12.16 -2.68 4.59
N SER D 156 12.39 -2.29 3.33
CA SER D 156 11.33 -2.30 2.33
C SER D 156 10.87 -3.70 1.97
N GLN D 157 11.79 -4.68 2.01
CA GLN D 157 11.42 -6.09 1.83
C GLN D 157 10.31 -6.52 2.79
N GLU D 158 10.52 -6.30 4.09
CA GLU D 158 9.52 -6.67 5.07
C GLU D 158 8.19 -5.95 4.81
N GLU D 159 8.23 -4.66 4.47
CA GLU D 159 7.01 -3.89 4.26
C GLU D 159 6.29 -4.31 2.98
N SER D 160 6.98 -5.01 2.09
CA SER D 160 6.33 -5.47 0.88
C SER D 160 5.35 -6.62 1.12
N ILE D 161 5.45 -7.31 2.27
CA ILE D 161 4.69 -8.54 2.49
C ILE D 161 3.90 -8.50 3.79
N GLY D 162 3.82 -7.33 4.41
CA GLY D 162 3.01 -7.20 5.62
C GLY D 162 3.18 -5.83 6.22
N THR D 163 2.59 -5.65 7.40
CA THR D 163 2.63 -4.38 8.09
C THR D 163 3.94 -4.18 8.86
N LEU D 164 4.18 -2.94 9.26
CA LEU D 164 5.30 -2.67 10.16
C LEU D 164 5.13 -3.43 11.47
N LEU D 165 3.91 -3.45 12.01
CA LEU D 165 3.66 -4.23 13.21
C LEU D 165 4.07 -5.68 13.00
N ASP D 166 3.63 -6.30 11.90
CA ASP D 166 3.98 -7.69 11.66
C ASP D 166 5.50 -7.90 11.67
N ALA D 167 6.28 -7.01 11.05
CA ALA D 167 7.74 -7.21 11.05
C ALA D 167 8.32 -7.03 12.46
N ILE D 168 7.77 -6.09 13.22
CA ILE D 168 8.21 -5.84 14.60
C ILE D 168 7.96 -7.08 15.48
N ILE D 169 6.75 -7.65 15.38
CA ILE D 169 6.44 -8.83 16.21
C ILE D 169 7.36 -9.99 15.86
N CYS D 170 7.61 -10.21 14.56
CA CYS D 170 8.49 -11.30 14.17
C CYS D 170 9.88 -11.15 14.78
N ARG D 171 10.40 -9.91 14.84
CA ARG D 171 11.71 -9.69 15.48
C ARG D 171 11.62 -9.96 16.97
N MET D 172 10.60 -9.40 17.62
CA MET D 172 10.45 -9.57 19.05
C MET D 172 10.38 -11.04 19.44
N SER D 173 9.59 -11.81 18.71
CA SER D 173 9.23 -13.13 19.19
C SER D 173 10.29 -14.20 18.91
N THR D 174 11.30 -13.91 18.06
CA THR D 174 12.31 -14.87 17.71
C THR D 174 13.72 -14.49 18.15
N LYS D 175 13.89 -13.34 18.81
CA LYS D 175 15.26 -12.90 19.10
C LYS D 175 15.95 -13.81 20.10
N ASP D 176 15.20 -14.56 20.92
CA ASP D 176 15.84 -15.47 21.88
C ASP D 176 16.49 -16.68 21.20
N VAL D 177 16.33 -16.87 19.89
CA VAL D 177 17.06 -17.91 19.19
C VAL D 177 17.92 -17.32 18.09
N LEU D 178 18.19 -16.01 18.19
CA LEU D 178 19.00 -15.23 17.25
C LEU D 178 18.56 -15.47 15.80
#